data_6LZ4
#
_entry.id   6LZ4
#
_cell.length_a   67.652
_cell.length_b   85.088
_cell.length_c   115.662
_cell.angle_alpha   90.000
_cell.angle_beta   90.000
_cell.angle_gamma   90.000
#
_symmetry.space_group_name_H-M   'P 21 21 21'
#
loop_
_entity.id
_entity.type
_entity.pdbx_description
1 polymer 'PMab-1 VH(S112C)-SARAH Chimera'
2 polymer 'PMab-1 VL-SARAH(S37C) Chimera'
3 polymer 'MAP peptide'
#
loop_
_entity_poly.entity_id
_entity_poly.type
_entity_poly.pdbx_seq_one_letter_code
_entity_poly.pdbx_strand_id
1 'polypeptide(L)'
;MQIQLQQSGTVLVKPASSVKISCKASGYSFTSHYMHWIRQQPGQGLEWIGWISPEQGNTKYNQKFDGKATLTADKSSSIA
YMQLSSLTSEDSAVYFCVSWEDWSAYWGQGTLVTVCSGSDYEFLKSWTVEDLQKRLLALDPMMEQEIEEIRQKYQSKRQP
ILDAIEAK
;
A,D
2 'polypeptide(L)'
;MDIVLTQSPALTVSLGQRATISCKTNQNVDYYGNSYVHWYQQKPGQKPKLLIYLASNLASGIPARFSGRGSGTDFTLTID
PVEAADTATYYCQQSRDLPNTFGAGTKLELKRGSDYEFLKSWTVEDLQKRLLALDPMMEQEIEEIRQKYQCKRQPILDAI
EAK
;
B,E
3 'polypeptide(L)' GDGMVPPGIEDKIT C,F
#
# COMPACT_ATOMS: atom_id res chain seq x y z
N GLN A 2 28.18 12.27 16.97
CA GLN A 2 27.11 11.63 17.71
C GLN A 2 25.74 11.95 17.10
N ILE A 3 25.36 11.21 16.07
CA ILE A 3 24.04 11.39 15.47
C ILE A 3 22.99 10.82 16.42
N GLN A 4 21.89 11.55 16.58
CA GLN A 4 20.81 11.12 17.46
C GLN A 4 19.47 11.44 16.83
N LEU A 5 18.50 10.58 17.10
CA LEU A 5 17.11 10.82 16.70
C LEU A 5 16.22 10.51 17.91
N GLN A 6 15.61 11.54 18.47
CA GLN A 6 14.64 11.39 19.54
C GLN A 6 13.24 11.46 18.96
N GLN A 7 12.41 10.48 19.28
CA GLN A 7 11.10 10.33 18.66
C GLN A 7 9.98 10.77 19.59
N SER A 8 8.79 10.87 19.00
CA SER A 8 7.60 11.28 19.72
C SER A 8 7.26 10.26 20.81
N GLY A 9 6.52 10.74 21.82
CA GLY A 9 6.12 9.89 22.92
C GLY A 9 4.96 8.97 22.56
N THR A 10 4.65 8.09 23.51
CA THR A 10 3.56 7.14 23.31
C THR A 10 2.25 7.87 23.04
N VAL A 11 1.51 7.38 22.06
CA VAL A 11 0.18 7.87 21.74
C VAL A 11 -0.80 6.70 21.82
N LEU A 12 -2.00 6.97 22.33
CA LEU A 12 -3.09 6.02 22.35
C LEU A 12 -4.29 6.70 21.72
N VAL A 13 -4.84 6.09 20.67
CA VAL A 13 -5.85 6.73 19.85
C VAL A 13 -7.04 5.80 19.71
N LYS A 14 -8.17 6.39 19.31
CA LYS A 14 -9.35 5.61 18.98
C LYS A 14 -9.32 5.20 17.51
N PRO A 15 -10.05 4.15 17.14
CA PRO A 15 -10.03 3.68 15.75
C PRO A 15 -10.51 4.76 14.78
N ALA A 16 -10.00 4.68 13.55
CA ALA A 16 -10.36 5.52 12.40
C ALA A 16 -9.91 6.97 12.55
N SER A 17 -9.16 7.30 13.59
CA SER A 17 -8.56 8.62 13.70
C SER A 17 -7.22 8.62 12.97
N SER A 18 -6.41 9.66 13.19
CA SER A 18 -5.11 9.74 12.54
C SER A 18 -4.14 10.47 13.46
N VAL A 19 -2.87 10.08 13.41
CA VAL A 19 -1.87 10.62 14.33
C VAL A 19 -0.60 10.96 13.54
N LYS A 20 0.12 11.95 14.05
CA LYS A 20 1.40 12.40 13.50
C LYS A 20 2.47 12.20 14.56
N ILE A 21 3.59 11.59 14.18
CA ILE A 21 4.71 11.44 15.09
C ILE A 21 5.95 12.03 14.42
N SER A 22 6.91 12.44 15.26
CA SER A 22 8.05 13.21 14.82
C SER A 22 9.35 12.51 15.17
N CYS A 23 10.38 12.78 14.36
CA CYS A 23 11.72 12.29 14.57
C CYS A 23 12.67 13.48 14.48
N LYS A 24 13.19 13.91 15.63
CA LYS A 24 14.02 15.12 15.68
C LYS A 24 15.48 14.73 15.45
N ALA A 25 16.07 15.27 14.37
CA ALA A 25 17.40 14.87 13.94
C ALA A 25 18.45 15.89 14.40
N SER A 26 19.56 15.39 14.90
CA SER A 26 20.69 16.22 15.31
C SER A 26 21.99 15.48 15.03
N GLY A 27 23.04 16.23 14.72
CA GLY A 27 24.37 15.69 14.56
C GLY A 27 24.83 15.47 13.12
N TYR A 28 23.99 15.76 12.14
CA TYR A 28 24.35 15.60 10.74
C TYR A 28 23.56 16.63 9.94
N SER A 29 23.94 16.81 8.68
CA SER A 29 23.20 17.74 7.82
C SER A 29 21.86 17.10 7.46
N PHE A 30 20.78 17.68 8.00
CA PHE A 30 19.48 17.05 7.93
C PHE A 30 19.06 16.74 6.50
N THR A 31 19.38 17.62 5.56
CA THR A 31 18.98 17.43 4.17
C THR A 31 19.91 16.52 3.39
N SER A 32 21.05 16.14 3.96
CA SER A 32 22.03 15.39 3.19
C SER A 32 21.69 13.90 3.07
N HIS A 33 20.99 13.34 4.06
CA HIS A 33 20.66 11.92 4.05
C HIS A 33 19.16 11.72 4.19
N TYR A 34 18.66 10.68 3.54
CA TYR A 34 17.25 10.33 3.61
C TYR A 34 16.85 9.94 5.03
N MET A 35 15.57 10.09 5.33
CA MET A 35 14.98 9.62 6.57
C MET A 35 14.01 8.49 6.25
N HIS A 36 14.36 7.27 6.61
CA HIS A 36 13.47 6.13 6.42
C HIS A 36 12.63 5.91 7.68
N TRP A 37 11.50 5.23 7.49
CA TRP A 37 10.60 4.92 8.59
C TRP A 37 10.33 3.42 8.62
N ILE A 38 10.31 2.86 9.82
CA ILE A 38 10.16 1.44 10.04
C ILE A 38 8.97 1.20 10.95
N ARG A 39 8.16 0.20 10.61
CA ARG A 39 7.05 -0.21 11.46
C ARG A 39 7.31 -1.61 12.01
N GLN A 40 7.07 -1.79 13.30
CA GLN A 40 7.15 -3.09 13.95
C GLN A 40 5.86 -3.33 14.72
N GLN A 41 5.04 -4.27 14.24
CA GLN A 41 3.84 -4.65 14.95
C GLN A 41 4.22 -5.43 16.21
N PRO A 42 3.32 -5.49 17.20
CA PRO A 42 3.64 -6.20 18.45
C PRO A 42 3.97 -7.67 18.20
N GLY A 43 5.17 -8.06 18.62
CA GLY A 43 5.64 -9.42 18.44
C GLY A 43 6.01 -9.80 17.03
N GLN A 44 6.19 -8.82 16.13
CA GLN A 44 6.40 -9.08 14.72
C GLN A 44 7.75 -8.48 14.28
N GLY A 45 8.04 -8.65 13.00
CA GLY A 45 9.30 -8.21 12.43
C GLY A 45 9.30 -6.74 12.06
N LEU A 46 10.23 -6.39 11.17
CA LEU A 46 10.43 -5.01 10.77
C LEU A 46 9.97 -4.81 9.33
N GLU A 47 9.32 -3.69 9.08
CA GLU A 47 8.85 -3.32 7.75
C GLU A 47 9.29 -1.90 7.44
N TRP A 48 9.73 -1.70 6.20
CA TRP A 48 10.18 -0.39 5.75
C TRP A 48 9.00 0.35 5.12
N ILE A 49 8.60 1.47 5.74
CA ILE A 49 7.43 2.21 5.27
C ILE A 49 7.76 3.03 4.03
N GLY A 50 8.88 3.72 4.05
CA GLY A 50 9.25 4.63 2.98
C GLY A 50 10.28 5.62 3.48
N TRP A 51 10.75 6.45 2.55
CA TRP A 51 11.75 7.45 2.90
C TRP A 51 11.35 8.82 2.37
N ILE A 52 11.99 9.84 2.94
CA ILE A 52 11.85 11.22 2.50
C ILE A 52 13.25 11.80 2.37
N SER A 53 13.41 12.69 1.40
CA SER A 53 14.63 13.47 1.32
C SER A 53 14.35 14.85 1.87
N PRO A 54 14.92 15.23 3.01
CA PRO A 54 14.57 16.53 3.61
C PRO A 54 14.97 17.71 2.73
N GLU A 55 15.91 17.55 1.81
CA GLU A 55 16.36 18.67 1.00
C GLU A 55 15.22 19.25 0.17
N GLN A 56 14.49 18.39 -0.53
CA GLN A 56 13.44 18.83 -1.44
C GLN A 56 12.05 18.37 -1.04
N GLY A 57 11.92 17.58 0.03
CA GLY A 57 10.65 17.02 0.39
C GLY A 57 10.23 15.82 -0.42
N ASN A 58 11.12 15.29 -1.26
CA ASN A 58 10.81 14.11 -2.05
C ASN A 58 10.50 12.93 -1.14
N THR A 59 9.51 12.13 -1.54
CA THR A 59 9.10 10.96 -0.78
C THR A 59 9.02 9.75 -1.69
N LYS A 60 9.45 8.60 -1.17
CA LYS A 60 9.24 7.31 -1.81
C LYS A 60 8.66 6.35 -0.78
N TYR A 61 7.82 5.42 -1.24
CA TYR A 61 6.97 4.67 -0.34
C TYR A 61 7.02 3.18 -0.62
N ASN A 62 6.78 2.41 0.43
CA ASN A 62 6.37 1.02 0.27
C ASN A 62 4.94 0.98 -0.25
N GLN A 63 4.69 0.08 -1.20
CA GLN A 63 3.37 -0.01 -1.80
C GLN A 63 2.31 -0.41 -0.78
N LYS A 64 2.71 -1.10 0.28
CA LYS A 64 1.75 -1.56 1.29
C LYS A 64 1.20 -0.40 2.12
N PHE A 65 1.98 0.66 2.30
CA PHE A 65 1.60 1.77 3.16
C PHE A 65 1.07 2.97 2.37
N ASP A 66 0.89 2.83 1.06
CA ASP A 66 0.32 3.90 0.25
C ASP A 66 -1.07 4.27 0.76
N GLY A 67 -1.26 5.56 1.08
CA GLY A 67 -2.50 6.01 1.64
C GLY A 67 -2.65 5.81 3.12
N LYS A 68 -1.70 5.12 3.76
CA LYS A 68 -1.69 4.94 5.21
C LYS A 68 -0.72 5.88 5.91
N ALA A 69 0.45 6.10 5.32
CA ALA A 69 1.47 6.96 5.91
C ALA A 69 1.85 8.04 4.92
N THR A 70 1.92 9.28 5.39
CA THR A 70 2.43 10.40 4.62
C THR A 70 3.63 10.98 5.35
N LEU A 71 4.75 11.10 4.65
CA LEU A 71 5.99 11.58 5.25
C LEU A 71 6.18 13.07 4.96
N THR A 72 6.61 13.80 5.98
CA THR A 72 6.90 15.22 5.84
C THR A 72 8.20 15.53 6.56
N ALA A 73 8.79 16.66 6.18
CA ALA A 73 10.05 17.09 6.77
C ALA A 73 10.07 18.61 6.85
N ASP A 74 10.60 19.13 7.95
CA ASP A 74 10.81 20.57 8.13
C ASP A 74 12.31 20.77 8.28
N LYS A 75 12.97 21.19 7.20
CA LYS A 75 14.39 21.51 7.30
C LYS A 75 14.62 22.72 8.20
N SER A 76 13.61 23.58 8.33
CA SER A 76 13.69 24.70 9.26
C SER A 76 14.02 24.20 10.67
N SER A 77 13.35 23.13 11.10
CA SER A 77 13.49 22.62 12.46
C SER A 77 14.26 21.31 12.53
N SER A 78 14.72 20.80 11.39
CA SER A 78 15.48 19.55 11.32
C SER A 78 14.66 18.37 11.87
N ILE A 79 13.34 18.45 11.73
CA ILE A 79 12.43 17.42 12.23
C ILE A 79 11.81 16.69 11.06
N ALA A 80 11.68 15.38 11.19
CA ALA A 80 10.94 14.55 10.24
C ALA A 80 9.60 14.16 10.85
N TYR A 81 8.61 13.97 10.00
CA TYR A 81 7.26 13.66 10.45
C TYR A 81 6.68 12.51 9.65
N MET A 82 5.89 11.68 10.32
CA MET A 82 5.05 10.69 9.67
C MET A 82 3.64 10.79 10.23
N GLN A 83 2.66 10.86 9.35
CA GLN A 83 1.26 10.85 9.74
C GLN A 83 0.65 9.52 9.31
N LEU A 84 0.00 8.85 10.26
CA LEU A 84 -0.76 7.65 9.98
C LEU A 84 -2.24 7.98 10.08
N SER A 85 -2.97 7.72 9.01
CA SER A 85 -4.37 8.09 8.91
C SER A 85 -5.25 6.84 8.83
N SER A 86 -6.51 7.02 9.20
CA SER A 86 -7.52 5.95 9.20
C SER A 86 -7.02 4.76 10.01
N LEU A 87 -6.69 5.04 11.27
CA LEU A 87 -6.05 4.05 12.12
C LEU A 87 -7.01 2.91 12.42
N THR A 88 -6.46 1.70 12.33
CA THR A 88 -7.14 0.47 12.66
C THR A 88 -6.24 -0.28 13.63
N SER A 89 -6.70 -1.45 14.08
CA SER A 89 -5.92 -2.23 15.03
C SER A 89 -4.65 -2.79 14.39
N GLU A 90 -4.69 -3.03 13.08
CA GLU A 90 -3.49 -3.46 12.37
C GLU A 90 -2.39 -2.41 12.39
N ASP A 91 -2.74 -1.16 12.71
CA ASP A 91 -1.76 -0.09 12.77
C ASP A 91 -1.18 0.12 14.17
N SER A 92 -1.66 -0.61 15.18
CA SER A 92 -1.01 -0.60 16.48
C SER A 92 0.39 -1.18 16.34
N ALA A 93 1.42 -0.38 16.56
CA ALA A 93 2.78 -0.82 16.31
C ALA A 93 3.75 0.15 16.99
N VAL A 94 5.04 -0.14 16.83
CA VAL A 94 6.12 0.76 17.19
C VAL A 94 6.77 1.23 15.90
N TYR A 95 6.94 2.54 15.75
CA TYR A 95 7.46 3.12 14.53
C TYR A 95 8.82 3.78 14.78
N PHE A 96 9.81 3.37 14.01
CA PHE A 96 11.16 3.90 14.09
C PHE A 96 11.45 4.78 12.89
N CYS A 97 12.32 5.76 13.11
CA CYS A 97 12.93 6.55 12.07
C CYS A 97 14.42 6.23 12.02
N VAL A 98 14.96 6.11 10.82
CA VAL A 98 16.37 5.77 10.63
C VAL A 98 16.97 6.70 9.59
N SER A 99 18.21 7.14 9.82
CA SER A 99 18.98 7.79 8.79
C SER A 99 20.40 7.25 8.80
N TRP A 100 21.00 7.22 7.61
CA TRP A 100 22.26 6.52 7.36
C TRP A 100 23.36 7.54 7.07
N GLU A 101 24.54 7.35 7.66
CA GLU A 101 25.72 8.10 7.27
C GLU A 101 26.89 7.14 7.12
N ASP A 102 27.38 6.99 5.89
CA ASP A 102 28.55 6.17 5.58
C ASP A 102 28.43 4.76 6.16
N TRP A 103 27.34 4.08 5.79
CA TRP A 103 27.06 2.70 6.18
C TRP A 103 26.98 2.54 7.71
N SER A 104 26.54 3.59 8.38
CA SER A 104 26.15 3.54 9.78
C SER A 104 24.71 4.01 9.89
N ALA A 105 23.88 3.21 10.55
CA ALA A 105 22.46 3.49 10.66
C ALA A 105 22.15 3.98 12.06
N TYR A 106 21.46 5.11 12.15
CA TYR A 106 21.11 5.72 13.43
C TYR A 106 19.61 5.62 13.62
N TRP A 107 19.21 4.88 14.63
CA TRP A 107 17.82 4.53 14.87
C TRP A 107 17.23 5.39 15.97
N GLY A 108 16.00 5.86 15.76
CA GLY A 108 15.26 6.45 16.85
C GLY A 108 14.83 5.41 17.86
N GLN A 109 14.52 5.88 19.08
CA GLN A 109 14.14 4.95 20.13
C GLN A 109 12.80 4.28 19.88
N GLY A 110 11.96 4.87 19.04
CA GLY A 110 10.70 4.24 18.69
C GLY A 110 9.52 4.94 19.33
N THR A 111 8.41 5.01 18.60
CA THR A 111 7.16 5.58 19.09
C THR A 111 6.10 4.49 19.14
N LEU A 112 5.47 4.33 20.29
CA LEU A 112 4.46 3.28 20.47
C LEU A 112 3.08 3.84 20.12
N VAL A 113 2.46 3.27 19.10
CA VAL A 113 1.12 3.64 18.66
C VAL A 113 0.21 2.46 18.98
N THR A 114 -0.75 2.66 19.88
CA THR A 114 -1.73 1.63 20.20
C THR A 114 -3.12 2.15 19.87
N VAL A 115 -3.83 1.41 19.02
CA VAL A 115 -5.17 1.75 18.57
C VAL A 115 -6.15 0.83 19.29
N CYS A 116 -7.10 1.42 20.00
CA CYS A 116 -8.04 0.67 20.81
C CYS A 116 -9.08 -0.02 19.93
N SER A 117 -9.62 -1.14 20.44
CA SER A 117 -10.60 -1.91 19.70
C SER A 117 -11.92 -2.00 20.45
N GLU A 122 -24.72 -0.26 22.96
CA GLU A 122 -23.55 -0.27 23.83
C GLU A 122 -23.87 -0.93 25.17
N PHE A 123 -22.92 -1.73 25.66
CA PHE A 123 -23.05 -2.36 26.96
C PHE A 123 -23.15 -1.34 28.09
N LEU A 124 -22.50 -0.20 27.94
CA LEU A 124 -22.21 0.67 29.09
C LEU A 124 -23.34 1.60 29.47
N LYS A 125 -24.36 1.79 28.62
CA LYS A 125 -25.39 2.77 28.95
C LYS A 125 -26.38 2.21 29.96
N SER A 126 -26.54 0.89 29.99
CA SER A 126 -27.27 0.25 31.08
C SER A 126 -26.75 0.73 32.44
N TRP A 127 -25.45 0.94 32.57
CA TRP A 127 -24.88 1.21 33.89
C TRP A 127 -25.11 2.66 34.31
N THR A 128 -25.45 2.85 35.57
CA THR A 128 -25.32 4.17 36.19
C THR A 128 -23.83 4.55 36.22
N VAL A 129 -23.55 5.86 36.31
CA VAL A 129 -22.15 6.29 36.21
C VAL A 129 -21.39 5.95 37.49
N GLU A 130 -22.07 6.00 38.65
CA GLU A 130 -21.45 5.51 39.88
C GLU A 130 -21.24 3.99 39.82
N ASP A 131 -22.20 3.27 39.23
CA ASP A 131 -21.95 1.86 38.93
C ASP A 131 -20.77 1.70 37.97
N LEU A 132 -20.63 2.61 37.01
CA LEU A 132 -19.55 2.49 36.02
C LEU A 132 -18.18 2.74 36.64
N GLN A 133 -18.08 3.69 37.58
CA GLN A 133 -16.79 3.96 38.22
C GLN A 133 -16.39 2.81 39.14
N LYS A 134 -17.36 2.11 39.72
CA LYS A 134 -17.07 0.84 40.38
C LYS A 134 -16.44 -0.14 39.39
N ARG A 135 -17.06 -0.25 38.21
CA ARG A 135 -16.49 -1.10 37.15
C ARG A 135 -15.07 -0.66 36.81
N LEU A 136 -14.82 0.65 36.77
CA LEU A 136 -13.49 1.14 36.39
C LEU A 136 -12.44 0.68 37.39
N LEU A 137 -12.72 0.85 38.68
CA LEU A 137 -11.75 0.43 39.69
C LEU A 137 -11.62 -1.09 39.78
N ALA A 138 -12.64 -1.83 39.31
CA ALA A 138 -12.58 -3.29 39.31
C ALA A 138 -11.65 -3.85 38.24
N LEU A 139 -11.21 -3.03 37.29
CA LEU A 139 -10.31 -3.51 36.25
C LEU A 139 -8.91 -3.77 36.79
N ASP A 140 -8.45 -2.92 37.72
CA ASP A 140 -7.09 -3.06 38.24
C ASP A 140 -6.83 -4.41 38.90
N PRO A 141 -7.71 -4.94 39.76
CA PRO A 141 -7.49 -6.32 40.23
C PRO A 141 -7.41 -7.30 39.08
N MET A 142 -8.25 -7.14 38.03
CA MET A 142 -8.13 -7.96 36.83
C MET A 142 -6.75 -7.86 36.22
N MET A 143 -6.32 -6.64 35.90
CA MET A 143 -5.02 -6.45 35.24
C MET A 143 -3.89 -7.00 36.09
N GLU A 144 -3.92 -6.73 37.39
CA GLU A 144 -2.87 -7.21 38.28
C GLU A 144 -2.80 -8.73 38.27
N GLN A 145 -3.94 -9.41 38.17
CA GLN A 145 -3.92 -10.87 38.06
C GLN A 145 -3.32 -11.31 36.74
N GLU A 146 -3.64 -10.60 35.65
CA GLU A 146 -2.99 -10.88 34.37
C GLU A 146 -1.50 -10.62 34.45
N ILE A 147 -1.12 -9.49 35.07
CA ILE A 147 0.30 -9.19 35.24
C ILE A 147 0.96 -10.25 36.12
N GLU A 148 0.26 -10.69 37.17
CA GLU A 148 0.85 -11.66 38.10
C GLU A 148 1.15 -12.98 37.43
N GLU A 149 0.30 -13.40 36.48
CA GLU A 149 0.59 -14.61 35.71
C GLU A 149 1.91 -14.47 34.95
N ILE A 150 2.15 -13.29 34.39
CA ILE A 150 3.42 -13.03 33.72
C ILE A 150 4.57 -13.11 34.73
N ARG A 151 4.42 -12.41 35.86
CA ARG A 151 5.44 -12.46 36.90
C ARG A 151 5.67 -13.88 37.39
N GLN A 152 4.61 -14.67 37.50
CA GLN A 152 4.75 -16.05 37.95
C GLN A 152 5.56 -16.88 36.95
N LYS A 153 5.31 -16.69 35.66
CA LYS A 153 6.08 -17.39 34.64
C LYS A 153 7.55 -17.03 34.72
N TYR A 154 7.84 -15.74 34.91
CA TYR A 154 9.22 -15.31 34.90
C TYR A 154 9.93 -15.62 36.22
N GLN A 155 9.19 -15.68 37.32
CA GLN A 155 9.78 -16.12 38.58
C GLN A 155 10.25 -17.58 38.46
N SER A 156 9.50 -18.40 37.71
CA SER A 156 9.92 -19.78 37.50
C SER A 156 11.09 -19.87 36.53
N LYS A 157 11.12 -19.00 35.52
CA LYS A 157 12.28 -18.92 34.64
C LYS A 157 13.51 -18.43 35.41
N ARG A 158 13.29 -17.58 36.40
CA ARG A 158 14.38 -17.03 37.22
C ARG A 158 14.98 -18.10 38.13
N GLN A 159 14.14 -18.96 38.68
CA GLN A 159 14.54 -19.84 39.78
C GLN A 159 15.77 -20.69 39.49
N PRO A 160 15.94 -21.31 38.32
CA PRO A 160 17.18 -22.05 38.08
C PRO A 160 18.42 -21.19 38.17
N ILE A 161 18.34 -19.96 37.65
CA ILE A 161 19.48 -19.04 37.71
C ILE A 161 19.80 -18.70 39.16
N LEU A 162 18.76 -18.38 39.94
CA LEU A 162 18.98 -18.03 41.35
C LEU A 162 19.56 -19.20 42.12
N ASP A 163 19.11 -20.42 41.82
CA ASP A 163 19.65 -21.59 42.50
C ASP A 163 21.10 -21.83 42.09
N ALA A 164 21.43 -21.61 40.82
CA ALA A 164 22.79 -21.84 40.36
C ALA A 164 23.75 -20.82 40.95
N ILE A 165 23.34 -19.55 41.03
CA ILE A 165 24.11 -18.56 41.76
C ILE A 165 24.37 -19.04 43.19
N GLU A 166 23.30 -19.46 43.87
CA GLU A 166 23.42 -19.89 45.25
C GLU A 166 24.38 -21.06 45.39
N ALA A 167 24.32 -22.01 44.46
CA ALA A 167 25.16 -23.21 44.57
C ALA A 167 26.63 -22.88 44.39
N LYS A 168 26.95 -21.81 43.66
CA LYS A 168 28.33 -21.39 43.49
C LYS A 168 28.99 -21.09 44.82
N MET B 1 7.44 -7.30 -7.86
CA MET B 1 8.41 -8.29 -7.42
C MET B 1 9.07 -7.91 -6.08
N ASP B 2 8.32 -8.04 -4.99
CA ASP B 2 8.95 -7.84 -3.69
C ASP B 2 9.84 -9.03 -3.36
N ILE B 3 11.01 -8.75 -2.83
CA ILE B 3 11.96 -9.79 -2.47
C ILE B 3 11.55 -10.38 -1.14
N VAL B 4 11.51 -11.72 -1.07
CA VAL B 4 11.16 -12.43 0.15
C VAL B 4 12.44 -12.96 0.79
N LEU B 5 12.64 -12.62 2.05
CA LEU B 5 13.77 -13.09 2.84
C LEU B 5 13.26 -14.14 3.81
N THR B 6 13.81 -15.34 3.73
CA THR B 6 13.40 -16.45 4.57
C THR B 6 14.47 -16.70 5.62
N GLN B 7 14.07 -16.65 6.89
CA GLN B 7 14.99 -16.97 7.98
C GLN B 7 14.21 -17.66 9.09
N SER B 8 14.82 -18.67 9.69
CA SER B 8 14.13 -19.52 10.65
C SER B 8 13.77 -18.72 11.90
N PRO B 9 12.63 -18.99 12.52
CA PRO B 9 12.19 -18.14 13.64
C PRO B 9 13.04 -18.25 14.89
N ALA B 10 13.64 -19.40 15.16
CA ALA B 10 14.29 -19.63 16.44
C ALA B 10 15.64 -20.30 16.26
N LEU B 11 16.57 -19.99 17.16
CA LEU B 11 17.86 -20.66 17.24
C LEU B 11 18.22 -20.79 18.71
N THR B 12 18.38 -22.02 19.18
CA THR B 12 18.76 -22.30 20.56
C THR B 12 20.18 -22.84 20.57
N VAL B 13 21.12 -22.03 21.05
CA VAL B 13 22.53 -22.37 21.06
C VAL B 13 23.03 -22.35 22.50
N SER B 14 24.01 -23.21 22.79
CA SER B 14 24.60 -23.20 24.12
C SER B 14 25.60 -22.07 24.25
N LEU B 15 25.69 -21.53 25.47
CA LEU B 15 26.58 -20.42 25.75
C LEU B 15 28.03 -20.76 25.39
N GLY B 16 28.64 -19.90 24.56
CA GLY B 16 30.03 -20.07 24.20
C GLY B 16 30.29 -20.86 22.92
N GLN B 17 29.25 -21.39 22.28
CA GLN B 17 29.40 -22.11 21.03
C GLN B 17 29.05 -21.21 19.86
N ARG B 18 29.29 -21.71 18.65
CA ARG B 18 29.01 -20.94 17.45
C ARG B 18 27.51 -20.96 17.14
N ALA B 19 26.97 -19.78 16.84
CA ALA B 19 25.60 -19.66 16.37
C ALA B 19 25.61 -19.13 14.94
N THR B 20 24.74 -19.68 14.11
CA THR B 20 24.69 -19.34 12.69
C THR B 20 23.25 -19.02 12.31
N ILE B 21 22.98 -17.75 12.01
CA ILE B 21 21.70 -17.32 11.49
C ILE B 21 21.74 -17.44 9.98
N SER B 22 20.67 -17.95 9.39
CA SER B 22 20.59 -18.11 7.94
C SER B 22 19.54 -17.16 7.37
N CYS B 23 19.84 -16.59 6.20
CA CYS B 23 18.84 -15.80 5.48
C CYS B 23 18.85 -16.22 4.01
N LYS B 24 17.67 -16.57 3.52
CA LYS B 24 17.48 -17.04 2.15
C LYS B 24 16.61 -16.03 1.40
N THR B 25 17.10 -15.55 0.27
CA THR B 25 16.35 -14.63 -0.57
C THR B 25 15.79 -15.38 -1.77
N ASN B 26 14.57 -15.01 -2.17
CA ASN B 26 13.98 -15.60 -3.37
C ASN B 26 14.54 -14.99 -4.65
N GLN B 27 15.36 -13.95 -4.54
CA GLN B 27 15.93 -13.28 -5.70
C GLN B 27 17.39 -12.96 -5.43
N ASN B 28 18.16 -12.89 -6.51
CA ASN B 28 19.56 -12.52 -6.41
C ASN B 28 19.67 -11.04 -6.03
N VAL B 29 20.42 -10.75 -4.98
CA VAL B 29 20.60 -9.38 -4.50
C VAL B 29 21.98 -8.83 -4.78
N ASP B 30 22.88 -9.64 -5.36
CA ASP B 30 24.21 -9.14 -5.70
C ASP B 30 24.11 -8.10 -6.80
N TYR B 31 24.93 -7.06 -6.68
CA TYR B 31 24.96 -5.98 -7.67
C TYR B 31 26.39 -5.47 -7.73
N TYR B 32 27.11 -5.84 -8.80
CA TYR B 32 28.45 -5.34 -9.08
C TYR B 32 29.43 -5.63 -7.94
N GLY B 33 29.56 -6.91 -7.62
CA GLY B 33 30.52 -7.38 -6.64
C GLY B 33 30.12 -7.17 -5.20
N ASN B 34 28.93 -6.65 -4.93
CA ASN B 34 28.43 -6.48 -3.58
C ASN B 34 27.02 -7.04 -3.50
N SER B 35 26.66 -7.54 -2.32
CA SER B 35 25.34 -8.12 -2.07
C SER B 35 24.63 -7.30 -1.02
N TYR B 36 23.39 -6.95 -1.29
CA TYR B 36 22.67 -5.97 -0.48
C TYR B 36 21.79 -6.65 0.55
N VAL B 37 22.47 -7.34 1.47
CA VAL B 37 21.87 -7.92 2.66
C VAL B 37 22.57 -7.30 3.86
N HIS B 38 21.77 -6.87 4.84
CA HIS B 38 22.30 -6.26 6.05
C HIS B 38 21.71 -6.96 7.25
N TRP B 39 22.44 -6.96 8.36
CA TRP B 39 22.05 -7.69 9.55
C TRP B 39 21.84 -6.73 10.71
N TYR B 40 20.81 -7.00 11.51
CA TYR B 40 20.52 -6.22 12.69
C TYR B 40 20.34 -7.13 13.89
N GLN B 41 20.51 -6.55 15.06
CA GLN B 41 20.24 -7.20 16.33
C GLN B 41 19.26 -6.34 17.10
N GLN B 42 18.20 -6.95 17.62
CA GLN B 42 17.20 -6.23 18.40
C GLN B 42 16.99 -6.97 19.70
N LYS B 43 17.42 -6.36 20.80
CA LYS B 43 17.13 -6.94 22.09
C LYS B 43 15.73 -6.52 22.55
N PRO B 44 15.09 -7.32 23.38
CA PRO B 44 13.73 -6.98 23.84
C PRO B 44 13.67 -5.59 24.45
N GLY B 45 12.69 -4.81 23.99
CA GLY B 45 12.52 -3.46 24.49
C GLY B 45 13.49 -2.44 23.95
N GLN B 46 14.32 -2.81 22.98
CA GLN B 46 15.33 -1.92 22.42
C GLN B 46 15.08 -1.73 20.93
N LYS B 47 15.73 -0.72 20.38
CA LYS B 47 15.69 -0.46 18.95
C LYS B 47 16.63 -1.40 18.22
N PRO B 48 16.40 -1.62 16.93
CA PRO B 48 17.33 -2.45 16.15
C PRO B 48 18.69 -1.77 16.01
N LYS B 49 19.73 -2.61 15.90
CA LYS B 49 21.10 -2.13 15.77
C LYS B 49 21.79 -2.85 14.64
N LEU B 50 22.46 -2.09 13.78
CA LEU B 50 23.16 -2.66 12.63
C LEU B 50 24.42 -3.39 13.07
N LEU B 51 24.59 -4.62 12.58
CA LEU B 51 25.78 -5.42 12.84
C LEU B 51 26.65 -5.57 11.59
N ILE B 52 26.05 -5.97 10.48
CA ILE B 52 26.75 -6.20 9.23
C ILE B 52 26.02 -5.44 8.13
N TYR B 53 26.79 -4.86 7.20
CA TYR B 53 26.25 -4.26 6.00
C TYR B 53 26.94 -4.87 4.79
N LEU B 54 26.19 -4.96 3.70
CA LEU B 54 26.68 -5.54 2.45
C LEU B 54 27.28 -6.93 2.70
N ALA B 55 26.50 -7.76 3.39
CA ALA B 55 26.76 -9.18 3.60
C ALA B 55 27.90 -9.48 4.57
N SER B 56 29.05 -8.83 4.39
CA SER B 56 30.27 -9.30 5.05
C SER B 56 30.98 -8.23 5.87
N ASN B 57 30.46 -7.02 5.94
CA ASN B 57 31.19 -5.90 6.50
C ASN B 57 30.72 -5.59 7.92
N LEU B 58 31.66 -5.62 8.87
CA LEU B 58 31.35 -5.26 10.25
C LEU B 58 31.05 -3.78 10.37
N ALA B 59 30.07 -3.45 11.19
CA ALA B 59 29.70 -2.05 11.43
C ALA B 59 30.56 -1.46 12.55
N SER B 60 30.45 -0.15 12.73
CA SER B 60 31.26 0.55 13.70
C SER B 60 30.97 0.08 15.12
N GLY B 61 32.03 -0.11 15.90
CA GLY B 61 31.88 -0.49 17.30
C GLY B 61 31.18 -1.81 17.52
N ILE B 62 31.14 -2.69 16.53
CA ILE B 62 30.52 -3.99 16.68
C ILE B 62 31.62 -5.00 16.99
N PRO B 63 31.43 -5.87 17.99
CA PRO B 63 32.51 -6.79 18.39
C PRO B 63 32.92 -7.75 17.28
N ALA B 64 34.12 -8.31 17.45
CA ALA B 64 34.70 -9.17 16.43
C ALA B 64 34.06 -10.55 16.38
N ARG B 65 33.33 -10.96 17.42
CA ARG B 65 32.69 -12.27 17.42
C ARG B 65 31.56 -12.35 16.40
N PHE B 66 31.05 -11.22 15.93
CA PHE B 66 30.06 -11.19 14.87
C PHE B 66 30.75 -11.22 13.52
N SER B 67 30.22 -12.00 12.59
CA SER B 67 30.72 -12.01 11.24
C SER B 67 29.61 -12.45 10.30
N GLY B 68 29.58 -11.86 9.11
CA GLY B 68 28.60 -12.21 8.11
C GLY B 68 29.26 -12.68 6.83
N ARG B 69 28.54 -13.54 6.11
CA ARG B 69 29.05 -14.09 4.86
C ARG B 69 27.87 -14.57 4.03
N GLY B 70 28.12 -14.78 2.76
CA GLY B 70 27.06 -15.23 1.87
C GLY B 70 27.10 -14.52 0.53
N SER B 71 26.34 -15.04 -0.42
CA SER B 71 26.31 -14.50 -1.78
C SER B 71 25.03 -14.96 -2.45
N GLY B 72 24.71 -14.31 -3.56
CA GLY B 72 23.52 -14.64 -4.34
C GLY B 72 22.23 -14.67 -3.54
N THR B 73 21.80 -15.87 -3.17
CA THR B 73 20.54 -16.06 -2.44
C THR B 73 20.74 -16.54 -1.01
N ASP B 74 21.96 -16.90 -0.64
CA ASP B 74 22.23 -17.61 0.62
C ASP B 74 23.21 -16.80 1.45
N PHE B 75 22.82 -16.46 2.67
CA PHE B 75 23.62 -15.63 3.55
C PHE B 75 23.54 -16.16 4.97
N THR B 76 24.63 -15.98 5.71
CA THR B 76 24.65 -16.35 7.11
C THR B 76 25.27 -15.23 7.95
N LEU B 77 24.79 -15.13 9.18
CA LEU B 77 25.40 -14.30 10.21
C LEU B 77 25.90 -15.22 11.31
N THR B 78 27.16 -15.06 11.70
CA THR B 78 27.81 -15.97 12.62
C THR B 78 28.26 -15.23 13.88
N ILE B 79 27.86 -15.75 15.04
CA ILE B 79 28.28 -15.25 16.34
C ILE B 79 29.16 -16.32 16.96
N ASP B 80 30.45 -16.03 17.11
CA ASP B 80 31.34 -17.01 17.71
C ASP B 80 32.42 -16.31 18.52
N PRO B 81 32.43 -16.47 19.86
CA PRO B 81 31.49 -17.28 20.64
C PRO B 81 30.19 -16.54 20.95
N VAL B 82 29.14 -17.29 21.31
CA VAL B 82 27.89 -16.68 21.75
C VAL B 82 28.03 -16.29 23.21
N GLU B 83 27.71 -15.03 23.51
CA GLU B 83 27.84 -14.50 24.86
C GLU B 83 26.47 -14.29 25.48
N ALA B 84 26.46 -14.17 26.81
CA ALA B 84 25.22 -14.03 27.55
C ALA B 84 24.45 -12.78 27.11
N ALA B 85 25.14 -11.78 26.57
CA ALA B 85 24.49 -10.58 26.08
C ALA B 85 23.75 -10.81 24.77
N ASP B 86 24.12 -11.84 24.01
CA ASP B 86 23.71 -11.95 22.62
C ASP B 86 22.30 -12.46 22.41
N THR B 87 21.59 -12.86 23.46
CA THR B 87 20.21 -13.31 23.27
C THR B 87 19.37 -12.13 22.75
N ALA B 88 18.82 -12.30 21.56
CA ALA B 88 18.11 -11.22 20.88
C ALA B 88 17.45 -11.79 19.63
N THR B 89 16.80 -10.92 18.89
CA THR B 89 16.20 -11.26 17.60
C THR B 89 17.05 -10.61 16.50
N TYR B 90 17.40 -11.39 15.49
CA TYR B 90 18.33 -10.95 14.45
C TYR B 90 17.61 -10.94 13.11
N TYR B 91 17.78 -9.87 12.35
CA TYR B 91 17.06 -9.67 11.10
C TYR B 91 18.02 -9.56 9.94
N CYS B 92 17.64 -10.12 8.80
CA CYS B 92 18.29 -9.81 7.54
C CYS B 92 17.39 -8.85 6.77
N GLN B 93 18.00 -7.92 6.07
CA GLN B 93 17.29 -6.93 5.27
C GLN B 93 17.97 -6.79 3.93
N GLN B 94 17.18 -6.68 2.87
CA GLN B 94 17.72 -6.52 1.52
C GLN B 94 17.48 -5.08 1.05
N SER B 95 18.48 -4.54 0.36
CA SER B 95 18.39 -3.22 -0.24
C SER B 95 18.74 -3.26 -1.72
N ARG B 96 18.60 -4.42 -2.37
CA ARG B 96 18.85 -4.50 -3.80
C ARG B 96 17.77 -3.78 -4.59
N ASP B 97 16.51 -3.96 -4.21
CA ASP B 97 15.38 -3.37 -4.90
C ASP B 97 14.37 -2.84 -3.90
N LEU B 98 13.64 -1.82 -4.31
CA LEU B 98 12.52 -1.36 -3.52
C LEU B 98 11.34 -2.31 -3.69
N PRO B 99 10.53 -2.50 -2.64
CA PRO B 99 10.72 -1.96 -1.30
C PRO B 99 11.78 -2.73 -0.52
N ASN B 100 12.48 -2.05 0.40
CA ASN B 100 13.36 -2.75 1.31
C ASN B 100 12.55 -3.74 2.12
N THR B 101 13.04 -4.97 2.22
CA THR B 101 12.31 -6.02 2.91
C THR B 101 13.21 -6.70 3.93
N PHE B 102 12.62 -7.05 5.06
CA PHE B 102 13.30 -7.74 6.15
C PHE B 102 12.86 -9.20 6.19
N GLY B 103 13.70 -10.02 6.82
CA GLY B 103 13.26 -11.34 7.21
C GLY B 103 12.40 -11.28 8.45
N ALA B 104 11.70 -12.38 8.73
CA ALA B 104 10.82 -12.43 9.89
C ALA B 104 11.59 -12.34 11.21
N GLY B 105 12.86 -12.71 11.20
CA GLY B 105 13.68 -12.60 12.40
C GLY B 105 13.92 -13.95 13.03
N THR B 106 15.12 -14.13 13.58
CA THR B 106 15.50 -15.35 14.29
C THR B 106 15.74 -14.98 15.76
N LYS B 107 14.90 -15.51 16.65
CA LYS B 107 15.13 -15.34 18.07
C LYS B 107 16.22 -16.30 18.52
N LEU B 108 17.26 -15.75 19.15
CA LEU B 108 18.36 -16.55 19.67
C LEU B 108 18.17 -16.73 21.17
N GLU B 109 18.20 -17.98 21.62
CA GLU B 109 18.10 -18.27 23.04
C GLU B 109 19.17 -19.29 23.41
N LEU B 110 19.38 -19.45 24.72
CA LEU B 110 20.48 -20.26 25.23
C LEU B 110 19.96 -21.57 25.79
N LYS B 111 20.69 -22.64 25.50
CA LYS B 111 20.35 -23.95 26.06
C LYS B 111 20.65 -23.99 27.55
N ARG B 112 19.81 -24.69 28.30
CA ARG B 112 19.95 -24.77 29.75
C ARG B 112 20.30 -26.14 30.27
N GLY B 113 19.89 -27.20 29.61
CA GLY B 113 20.22 -28.50 30.13
C GLY B 113 19.01 -29.30 30.55
N SER B 114 19.19 -30.61 30.55
CA SER B 114 18.11 -31.48 30.95
C SER B 114 17.58 -31.07 32.32
N ASP B 115 18.45 -31.06 33.32
CA ASP B 115 18.12 -30.61 34.66
C ASP B 115 18.68 -29.21 34.93
N TYR B 116 18.69 -28.35 33.92
CA TYR B 116 19.43 -27.10 33.95
C TYR B 116 20.90 -27.35 34.26
N GLU B 117 21.45 -28.40 33.65
CA GLU B 117 22.81 -28.84 33.96
C GLU B 117 23.84 -27.80 33.57
N PHE B 118 23.57 -27.06 32.49
CA PHE B 118 24.55 -26.18 31.88
C PHE B 118 24.70 -24.88 32.70
N LEU B 119 23.67 -24.53 33.48
CA LEU B 119 23.72 -23.31 34.30
C LEU B 119 24.75 -23.43 35.42
N LYS B 120 24.87 -24.60 36.03
CA LYS B 120 25.87 -24.81 37.06
C LYS B 120 27.28 -24.84 36.45
N SER B 121 27.40 -25.20 35.18
CA SER B 121 28.66 -25.03 34.47
C SER B 121 29.02 -23.57 34.26
N TRP B 122 28.03 -22.69 34.20
CA TRP B 122 28.25 -21.29 33.85
C TRP B 122 29.03 -20.56 34.94
N THR B 123 29.68 -19.47 34.51
CA THR B 123 30.36 -18.60 35.46
C THR B 123 29.36 -17.63 36.09
N VAL B 124 29.70 -17.17 37.30
CA VAL B 124 28.79 -16.34 38.08
C VAL B 124 28.36 -15.11 37.30
N GLU B 125 29.30 -14.49 36.58
CA GLU B 125 28.97 -13.31 35.80
C GLU B 125 27.94 -13.63 34.70
N ASP B 126 28.09 -14.79 34.06
CA ASP B 126 27.17 -15.16 32.99
C ASP B 126 25.76 -15.38 33.53
N LEU B 127 25.64 -16.07 34.66
CA LEU B 127 24.33 -16.25 35.27
C LEU B 127 23.73 -14.91 35.68
N GLN B 128 24.57 -13.99 36.15
CA GLN B 128 24.07 -12.68 36.57
C GLN B 128 23.49 -11.91 35.39
N LYS B 129 24.13 -12.01 34.22
CA LYS B 129 23.58 -11.36 33.04
C LYS B 129 22.32 -12.04 32.57
N ARG B 130 22.25 -13.37 32.71
CA ARG B 130 21.03 -14.09 32.36
C ARG B 130 19.89 -13.74 33.31
N LEU B 131 20.21 -13.54 34.58
CA LEU B 131 19.21 -13.11 35.55
C LEU B 131 18.58 -11.79 35.14
N LEU B 132 19.40 -10.84 34.69
CA LEU B 132 18.91 -9.51 34.34
C LEU B 132 18.31 -9.46 32.94
N ALA B 133 18.70 -10.38 32.05
CA ALA B 133 18.11 -10.42 30.71
C ALA B 133 16.64 -10.78 30.74
N LEU B 134 16.15 -11.38 31.84
CA LEU B 134 14.74 -11.74 31.92
C LEU B 134 13.84 -10.51 32.06
N ASP B 135 14.34 -9.45 32.67
CA ASP B 135 13.50 -8.27 32.94
C ASP B 135 12.99 -7.60 31.67
N PRO B 136 13.81 -7.33 30.64
CA PRO B 136 13.24 -6.73 29.42
C PRO B 136 12.16 -7.58 28.77
N MET B 137 12.34 -8.90 28.72
CA MET B 137 11.32 -9.76 28.14
C MET B 137 10.04 -9.72 28.96
N MET B 138 10.18 -9.72 30.30
CA MET B 138 8.99 -9.65 31.15
C MET B 138 8.29 -8.31 31.03
N GLU B 139 9.06 -7.22 30.97
CA GLU B 139 8.47 -5.89 30.89
C GLU B 139 7.74 -5.69 29.56
N GLN B 140 8.21 -6.32 28.49
CA GLN B 140 7.51 -6.24 27.21
C GLN B 140 6.14 -6.90 27.29
N GLU B 141 6.07 -8.09 27.90
CA GLU B 141 4.79 -8.76 28.08
C GLU B 141 3.90 -8.01 29.06
N ILE B 142 4.48 -7.38 30.07
CA ILE B 142 3.69 -6.62 31.04
C ILE B 142 3.13 -5.36 30.40
N GLU B 143 3.91 -4.72 29.53
CA GLU B 143 3.45 -3.49 28.89
C GLU B 143 2.29 -3.77 27.93
N GLU B 144 2.30 -4.93 27.28
CA GLU B 144 1.17 -5.34 26.45
C GLU B 144 -0.11 -5.38 27.27
N ILE B 145 -0.07 -6.11 28.39
CA ILE B 145 -1.21 -6.16 29.29
C ILE B 145 -1.59 -4.75 29.75
N ARG B 146 -0.59 -3.93 30.08
CA ARG B 146 -0.85 -2.55 30.46
C ARG B 146 -1.47 -1.77 29.32
N GLN B 147 -0.92 -1.93 28.11
CA GLN B 147 -1.50 -1.27 26.94
C GLN B 147 -2.94 -1.73 26.73
N LYS B 148 -3.19 -3.03 26.87
CA LYS B 148 -4.54 -3.55 26.70
C LYS B 148 -5.50 -2.94 27.70
N TYR B 149 -5.07 -2.84 28.97
CA TYR B 149 -5.96 -2.32 29.99
C TYR B 149 -6.13 -0.81 29.91
N GLN B 150 -5.18 -0.11 29.29
CA GLN B 150 -5.43 1.29 28.94
C GLN B 150 -6.64 1.40 28.02
N CYS B 151 -6.70 0.53 27.02
CA CYS B 151 -7.79 0.56 26.06
C CYS B 151 -9.09 0.09 26.67
N LYS B 152 -9.04 -0.96 27.51
CA LYS B 152 -10.23 -1.46 28.16
C LYS B 152 -10.97 -0.37 28.95
N ARG B 153 -10.23 0.59 29.52
CA ARG B 153 -10.87 1.54 30.43
C ARG B 153 -11.34 2.81 29.74
N GLN B 154 -10.82 3.13 28.55
CA GLN B 154 -11.20 4.41 27.96
C GLN B 154 -12.66 4.45 27.52
N PRO B 155 -13.30 3.35 27.10
CA PRO B 155 -14.77 3.40 26.94
C PRO B 155 -15.50 3.72 28.22
N ILE B 156 -15.09 3.08 29.33
CA ILE B 156 -15.72 3.36 30.62
C ILE B 156 -15.55 4.82 30.99
N LEU B 157 -14.34 5.36 30.78
CA LEU B 157 -14.11 6.77 31.09
C LEU B 157 -14.80 7.67 30.08
N ASP B 158 -14.80 7.28 28.80
CA ASP B 158 -15.56 8.03 27.81
C ASP B 158 -17.04 8.04 28.16
N ALA B 159 -17.56 6.93 28.67
CA ALA B 159 -18.98 6.84 28.96
C ALA B 159 -19.41 7.87 30.00
N ILE B 160 -18.54 8.18 30.96
CA ILE B 160 -18.95 9.07 32.04
C ILE B 160 -18.92 10.52 31.59
N GLU B 161 -17.92 10.93 30.82
CA GLU B 161 -17.91 12.33 30.40
C GLU B 161 -18.96 12.59 29.32
N ALA B 162 -19.34 11.56 28.57
CA ALA B 162 -20.53 11.66 27.71
C ALA B 162 -21.45 10.44 27.89
N GLY C 1 26.70 5.79 1.41
CA GLY C 1 26.44 4.44 1.87
C GLY C 1 25.18 4.31 2.70
N ASP C 2 24.09 3.89 2.06
CA ASP C 2 22.80 3.75 2.71
C ASP C 2 22.35 2.31 2.61
N GLY C 3 22.07 1.69 3.76
CA GLY C 3 21.60 0.32 3.78
C GLY C 3 20.17 0.13 3.32
N MET C 4 19.43 1.23 3.08
CA MET C 4 18.03 1.13 2.67
C MET C 4 17.75 1.86 1.36
N VAL C 5 18.78 2.14 0.57
CA VAL C 5 18.60 2.82 -0.71
C VAL C 5 19.19 1.95 -1.82
N PRO C 6 18.36 1.43 -2.73
CA PRO C 6 18.87 0.54 -3.79
C PRO C 6 19.55 1.33 -4.88
N PRO C 7 20.48 0.69 -5.61
CA PRO C 7 21.16 1.37 -6.73
C PRO C 7 20.22 1.57 -7.90
N GLY C 8 20.07 2.83 -8.31
CA GLY C 8 19.22 3.17 -9.44
C GLY C 8 18.05 4.07 -9.06
N GLN D 2 -34.01 -0.78 -18.90
CA GLN D 2 -32.69 -1.22 -18.49
C GLN D 2 -32.21 -0.46 -17.26
N ILE D 3 -30.92 -0.62 -16.94
CA ILE D 3 -30.28 0.04 -15.81
C ILE D 3 -29.32 1.08 -16.35
N GLN D 4 -29.41 2.31 -15.85
CA GLN D 4 -28.56 3.39 -16.31
C GLN D 4 -27.82 4.03 -15.15
N LEU D 5 -26.51 4.15 -15.32
CA LEU D 5 -25.65 4.98 -14.48
C LEU D 5 -25.11 6.07 -15.39
N GLN D 6 -25.65 7.27 -15.27
CA GLN D 6 -25.17 8.41 -16.05
C GLN D 6 -24.61 9.47 -15.12
N GLN D 7 -23.38 9.89 -15.38
CA GLN D 7 -22.64 10.77 -14.50
C GLN D 7 -22.53 12.17 -15.10
N SER D 8 -22.11 13.11 -14.25
CA SER D 8 -22.01 14.50 -14.62
C SER D 8 -20.93 14.72 -15.68
N GLY D 9 -20.89 15.95 -16.19
CA GLY D 9 -20.02 16.28 -17.30
C GLY D 9 -18.59 16.60 -16.88
N THR D 10 -17.76 16.82 -17.89
CA THR D 10 -16.36 17.15 -17.66
C THR D 10 -16.22 18.42 -16.85
N VAL D 11 -15.39 18.38 -15.81
CA VAL D 11 -15.12 19.55 -14.98
C VAL D 11 -13.63 19.89 -15.09
N LEU D 12 -13.35 21.19 -15.09
CA LEU D 12 -12.00 21.71 -15.09
C LEU D 12 -11.69 22.25 -13.70
N VAL D 13 -10.59 21.80 -13.10
CA VAL D 13 -10.29 22.18 -11.73
C VAL D 13 -8.84 22.66 -11.64
N LYS D 14 -8.61 23.52 -10.71
CA LYS D 14 -7.34 24.04 -10.27
C LYS D 14 -6.81 23.22 -9.10
N PRO D 15 -5.49 23.12 -8.97
CA PRO D 15 -4.93 22.38 -7.83
C PRO D 15 -5.35 22.98 -6.50
N ALA D 16 -5.43 22.12 -5.49
CA ALA D 16 -5.83 22.43 -4.12
C ALA D 16 -7.29 22.83 -4.00
N SER D 17 -8.09 22.66 -5.06
CA SER D 17 -9.49 23.03 -5.00
C SER D 17 -10.34 21.82 -4.66
N SER D 18 -11.65 21.97 -4.75
CA SER D 18 -12.60 20.90 -4.47
C SER D 18 -13.49 20.71 -5.68
N VAL D 19 -13.89 19.47 -5.93
CA VAL D 19 -14.86 19.18 -6.98
C VAL D 19 -15.74 18.04 -6.54
N LYS D 20 -17.03 18.16 -6.83
CA LYS D 20 -18.06 17.19 -6.47
C LYS D 20 -18.73 16.73 -7.76
N ILE D 21 -18.69 15.43 -8.02
CA ILE D 21 -19.31 14.87 -9.21
C ILE D 21 -20.38 13.88 -8.79
N SER D 22 -21.28 13.57 -9.72
CA SER D 22 -22.49 12.85 -9.40
C SER D 22 -22.72 11.71 -10.39
N CYS D 23 -23.38 10.66 -9.89
CA CYS D 23 -23.83 9.53 -10.69
C CYS D 23 -25.26 9.24 -10.28
N LYS D 24 -26.18 9.32 -11.24
CA LYS D 24 -27.61 9.15 -10.99
C LYS D 24 -28.01 7.71 -11.33
N ALA D 25 -28.54 7.00 -10.33
CA ALA D 25 -29.03 5.65 -10.53
C ALA D 25 -30.49 5.67 -10.97
N SER D 26 -30.79 4.91 -12.02
CA SER D 26 -32.14 4.78 -12.52
C SER D 26 -32.36 3.35 -12.99
N GLY D 27 -33.56 2.84 -12.77
CA GLY D 27 -33.90 1.49 -13.21
C GLY D 27 -33.74 0.41 -12.17
N TYR D 28 -33.36 0.76 -10.94
CA TYR D 28 -33.23 -0.23 -9.88
C TYR D 28 -33.41 0.47 -8.55
N SER D 29 -33.76 -0.31 -7.53
CA SER D 29 -33.96 0.25 -6.20
C SER D 29 -32.62 0.71 -5.64
N PHE D 30 -32.53 2.00 -5.30
CA PHE D 30 -31.22 2.61 -5.05
C PHE D 30 -30.55 2.03 -3.81
N THR D 31 -31.27 1.97 -2.68
CA THR D 31 -30.69 1.48 -1.44
C THR D 31 -30.35 0.00 -1.50
N SER D 32 -30.94 -0.73 -2.44
CA SER D 32 -30.62 -2.14 -2.64
C SER D 32 -29.12 -2.36 -2.82
N HIS D 33 -28.51 -1.59 -3.72
CA HIS D 33 -27.21 -1.93 -4.30
C HIS D 33 -26.13 -0.96 -3.86
N TYR D 34 -24.90 -1.45 -3.82
CA TYR D 34 -23.76 -0.61 -3.54
C TYR D 34 -23.38 0.17 -4.78
N MET D 35 -22.82 1.36 -4.58
CA MET D 35 -22.36 2.22 -5.67
C MET D 35 -20.85 2.33 -5.59
N HIS D 36 -20.16 1.82 -6.62
CA HIS D 36 -18.71 1.80 -6.66
C HIS D 36 -18.19 2.95 -7.53
N TRP D 37 -16.96 3.37 -7.25
CA TRP D 37 -16.28 4.39 -8.04
C TRP D 37 -14.93 3.85 -8.47
N ILE D 38 -14.62 4.02 -9.76
CA ILE D 38 -13.37 3.55 -10.34
C ILE D 38 -12.63 4.74 -10.93
N ARG D 39 -11.33 4.83 -10.64
CA ARG D 39 -10.47 5.85 -11.22
C ARG D 39 -9.59 5.22 -12.29
N GLN D 40 -9.46 5.92 -13.41
CA GLN D 40 -8.53 5.52 -14.47
C GLN D 40 -7.67 6.72 -14.85
N GLN D 41 -6.40 6.66 -14.46
CA GLN D 41 -5.46 7.70 -14.86
C GLN D 41 -5.17 7.57 -16.36
N PRO D 42 -4.84 8.67 -17.03
CA PRO D 42 -4.64 8.63 -18.48
C PRO D 42 -3.56 7.62 -18.88
N GLY D 43 -3.92 6.70 -19.77
CA GLY D 43 -3.01 5.68 -20.24
C GLY D 43 -2.77 4.54 -19.27
N GLN D 44 -3.54 4.46 -18.19
CA GLN D 44 -3.32 3.46 -17.15
C GLN D 44 -4.57 2.60 -16.98
N GLY D 45 -4.43 1.62 -16.09
CA GLY D 45 -5.52 0.74 -15.73
C GLY D 45 -6.40 1.34 -14.66
N LEU D 46 -7.21 0.48 -14.05
CA LEU D 46 -8.26 0.92 -13.15
C LEU D 46 -7.88 0.64 -11.71
N GLU D 47 -8.31 1.53 -10.82
CA GLU D 47 -8.18 1.34 -9.39
C GLU D 47 -9.55 1.54 -8.76
N TRP D 48 -9.87 0.68 -7.81
CA TRP D 48 -11.14 0.75 -7.12
C TRP D 48 -11.02 1.74 -5.96
N ILE D 49 -11.91 2.73 -5.93
CA ILE D 49 -11.80 3.81 -4.95
C ILE D 49 -12.61 3.48 -3.68
N GLY D 50 -13.82 2.99 -3.83
CA GLY D 50 -14.66 2.71 -2.69
C GLY D 50 -16.10 2.58 -3.10
N TRP D 51 -16.94 2.29 -2.10
CA TRP D 51 -18.38 2.18 -2.33
C TRP D 51 -19.15 2.99 -1.30
N ILE D 52 -20.37 3.33 -1.67
CA ILE D 52 -21.37 3.89 -0.76
C ILE D 52 -22.59 2.98 -0.81
N SER D 53 -23.11 2.64 0.35
CA SER D 53 -24.43 2.03 0.43
C SER D 53 -25.46 3.13 0.62
N PRO D 54 -26.49 3.22 -0.22
CA PRO D 54 -27.48 4.29 -0.02
C PRO D 54 -28.34 4.10 1.22
N GLU D 55 -28.63 2.86 1.62
CA GLU D 55 -29.47 2.63 2.79
C GLU D 55 -28.93 3.35 4.02
N GLN D 56 -27.64 3.17 4.29
CA GLN D 56 -26.96 3.82 5.40
C GLN D 56 -25.65 4.40 4.88
N GLY D 57 -25.23 5.52 5.47
CA GLY D 57 -24.08 6.27 4.98
C GLY D 57 -22.76 5.53 4.93
N ASN D 58 -22.66 4.30 5.45
CA ASN D 58 -21.35 3.66 5.57
C ASN D 58 -20.73 3.43 4.21
N THR D 59 -19.44 3.77 4.13
CA THR D 59 -18.63 3.60 2.95
C THR D 59 -17.42 2.76 3.30
N LYS D 60 -16.92 2.02 2.32
CA LYS D 60 -15.61 1.39 2.39
C LYS D 60 -14.73 2.05 1.36
N TYR D 61 -13.48 2.31 1.73
CA TYR D 61 -12.56 3.05 0.90
C TYR D 61 -11.33 2.23 0.61
N ASN D 62 -10.76 2.43 -0.57
CA ASN D 62 -9.38 2.03 -0.81
C ASN D 62 -8.49 2.89 0.07
N GLN D 63 -7.43 2.27 0.59
CA GLN D 63 -6.50 2.97 1.49
C GLN D 63 -5.94 4.22 0.81
N LYS D 64 -5.60 4.10 -0.47
CA LYS D 64 -4.99 5.22 -1.21
C LYS D 64 -5.86 6.47 -1.15
N PHE D 65 -7.16 6.31 -1.37
CA PHE D 65 -8.07 7.44 -1.50
C PHE D 65 -8.66 7.88 -0.18
N ASP D 66 -8.16 7.38 0.94
CA ASP D 66 -8.65 7.85 2.24
C ASP D 66 -8.34 9.33 2.38
N GLY D 67 -9.39 10.15 2.38
CA GLY D 67 -9.26 11.59 2.41
C GLY D 67 -9.28 12.24 1.04
N LYS D 68 -8.76 11.56 0.01
CA LYS D 68 -8.80 12.12 -1.33
C LYS D 68 -10.22 12.16 -1.86
N ALA D 69 -10.96 11.06 -1.72
CA ALA D 69 -12.34 10.97 -2.16
C ALA D 69 -13.24 10.70 -0.95
N THR D 70 -14.43 11.28 -0.97
CA THR D 70 -15.44 11.02 0.05
C THR D 70 -16.77 10.77 -0.65
N LEU D 71 -17.35 9.61 -0.39
CA LEU D 71 -18.56 9.16 -1.07
C LEU D 71 -19.79 9.49 -0.24
N THR D 72 -20.76 10.15 -0.87
CA THR D 72 -22.06 10.41 -0.25
C THR D 72 -23.14 10.11 -1.27
N ALA D 73 -24.31 9.76 -0.78
CA ALA D 73 -25.43 9.41 -1.65
C ALA D 73 -26.70 10.06 -1.14
N ASP D 74 -27.61 10.36 -2.07
CA ASP D 74 -28.90 10.94 -1.76
C ASP D 74 -29.97 9.90 -2.03
N LYS D 75 -30.48 9.29 -0.95
CA LYS D 75 -31.51 8.25 -1.08
C LYS D 75 -32.80 8.79 -1.65
N SER D 76 -33.12 10.07 -1.37
CA SER D 76 -34.39 10.63 -1.86
C SER D 76 -34.38 10.79 -3.37
N SER D 77 -33.22 11.12 -3.94
CA SER D 77 -33.13 11.36 -5.37
C SER D 77 -32.30 10.29 -6.07
N SER D 78 -31.76 9.31 -5.34
CA SER D 78 -30.99 8.20 -5.91
C SER D 78 -29.76 8.66 -6.70
N ILE D 79 -29.10 9.73 -6.25
CA ILE D 79 -27.85 10.17 -6.86
C ILE D 79 -26.71 9.96 -5.88
N ALA D 80 -25.55 9.60 -6.41
CA ALA D 80 -24.34 9.39 -5.63
C ALA D 80 -23.32 10.46 -5.99
N TYR D 81 -22.74 11.08 -4.96
CA TYR D 81 -21.72 12.10 -5.14
C TYR D 81 -20.36 11.56 -4.71
N MET D 82 -19.34 11.86 -5.50
CA MET D 82 -17.95 11.70 -5.09
C MET D 82 -17.29 13.06 -5.06
N GLN D 83 -16.71 13.42 -3.93
CA GLN D 83 -16.02 14.70 -3.77
C GLN D 83 -14.52 14.44 -3.63
N LEU D 84 -13.75 15.02 -4.55
CA LEU D 84 -12.29 14.95 -4.51
C LEU D 84 -11.76 16.31 -4.09
N SER D 85 -11.02 16.34 -2.98
CA SER D 85 -10.51 17.57 -2.40
C SER D 85 -8.99 17.65 -2.53
N SER D 86 -8.48 18.88 -2.42
CA SER D 86 -7.05 19.17 -2.50
C SER D 86 -6.43 18.51 -3.73
N LEU D 87 -6.98 18.87 -4.88
CA LEU D 87 -6.63 18.20 -6.12
C LEU D 87 -5.17 18.45 -6.49
N THR D 88 -4.52 17.41 -7.01
CA THR D 88 -3.15 17.46 -7.50
C THR D 88 -3.13 16.95 -8.93
N SER D 89 -1.93 16.93 -9.52
CA SER D 89 -1.78 16.38 -10.87
C SER D 89 -2.14 14.91 -10.93
N GLU D 90 -1.90 14.18 -9.83
CA GLU D 90 -2.25 12.76 -9.78
C GLU D 90 -3.74 12.54 -9.97
N ASP D 91 -4.57 13.46 -9.49
CA ASP D 91 -6.02 13.28 -9.49
C ASP D 91 -6.64 13.44 -10.87
N SER D 92 -5.97 14.11 -11.81
CA SER D 92 -6.48 14.23 -13.18
C SER D 92 -6.72 12.86 -13.79
N ALA D 93 -7.98 12.49 -13.96
CA ALA D 93 -8.31 11.16 -14.47
C ALA D 93 -9.77 11.13 -14.84
N VAL D 94 -10.17 10.05 -15.49
CA VAL D 94 -11.57 9.74 -15.73
C VAL D 94 -12.09 8.96 -14.54
N TYR D 95 -13.32 9.22 -14.13
CA TYR D 95 -13.90 8.60 -12.94
C TYR D 95 -15.21 7.94 -13.30
N PHE D 96 -15.35 6.67 -12.92
CA PHE D 96 -16.54 5.88 -13.22
C PHE D 96 -17.36 5.66 -11.96
N CYS D 97 -18.67 5.47 -12.16
CA CYS D 97 -19.54 4.89 -11.15
C CYS D 97 -20.06 3.58 -11.70
N VAL D 98 -20.06 2.53 -10.88
CA VAL D 98 -20.43 1.19 -11.35
C VAL D 98 -21.34 0.52 -10.33
N SER D 99 -22.45 -0.02 -10.81
CA SER D 99 -23.45 -0.69 -10.00
C SER D 99 -23.67 -2.10 -10.56
N TRP D 100 -23.92 -3.06 -9.69
CA TRP D 100 -24.10 -4.45 -10.10
C TRP D 100 -25.50 -4.94 -9.78
N GLU D 101 -26.06 -5.75 -10.67
CA GLU D 101 -27.26 -6.53 -10.36
C GLU D 101 -27.15 -7.88 -11.03
N ASP D 102 -27.32 -8.94 -10.22
CA ASP D 102 -27.32 -10.32 -10.69
C ASP D 102 -26.07 -10.62 -11.52
N TRP D 103 -24.92 -10.25 -10.97
CA TRP D 103 -23.61 -10.53 -11.56
C TRP D 103 -23.46 -9.90 -12.94
N SER D 104 -24.14 -8.79 -13.16
CA SER D 104 -23.93 -7.95 -14.33
C SER D 104 -23.58 -6.55 -13.85
N ALA D 105 -22.39 -6.09 -14.20
CA ALA D 105 -21.89 -4.80 -13.74
C ALA D 105 -22.39 -3.70 -14.67
N TYR D 106 -22.94 -2.64 -14.08
CA TYR D 106 -23.43 -1.50 -14.83
C TYR D 106 -22.48 -0.34 -14.61
N TRP D 107 -21.79 0.05 -15.68
CA TRP D 107 -20.74 1.04 -15.63
C TRP D 107 -21.28 2.39 -16.08
N GLY D 108 -20.91 3.44 -15.36
CA GLY D 108 -21.24 4.78 -15.80
C GLY D 108 -20.41 5.19 -17.00
N GLN D 109 -20.88 6.24 -17.68
CA GLN D 109 -20.15 6.73 -18.85
C GLN D 109 -18.79 7.31 -18.47
N GLY D 110 -18.62 7.77 -17.23
CA GLY D 110 -17.33 8.28 -16.80
C GLY D 110 -17.24 9.79 -16.76
N THR D 111 -16.76 10.33 -15.65
CA THR D 111 -16.49 11.75 -15.52
C THR D 111 -14.99 11.99 -15.67
N LEU D 112 -14.63 12.93 -16.54
CA LEU D 112 -13.24 13.33 -16.71
C LEU D 112 -12.96 14.56 -15.87
N VAL D 113 -11.94 14.46 -15.03
CA VAL D 113 -11.48 15.59 -14.20
C VAL D 113 -10.11 15.99 -14.69
N THR D 114 -9.95 17.26 -15.05
CA THR D 114 -8.70 17.79 -15.55
C THR D 114 -8.19 18.85 -14.59
N VAL D 115 -7.04 18.60 -13.97
CA VAL D 115 -6.39 19.59 -13.13
C VAL D 115 -5.38 20.36 -13.98
N CYS D 116 -5.55 21.67 -14.07
CA CYS D 116 -4.69 22.51 -14.89
C CYS D 116 -3.55 23.07 -14.05
N SER D 117 -2.34 23.00 -14.58
CA SER D 117 -1.19 23.64 -13.93
C SER D 117 -1.39 25.14 -13.85
N TYR D 121 0.95 32.58 -15.44
CA TYR D 121 -0.11 33.52 -15.06
C TYR D 121 0.40 34.97 -15.07
N GLU D 122 1.59 35.20 -14.53
CA GLU D 122 2.15 36.55 -14.59
C GLU D 122 2.81 36.83 -15.93
N PHE D 123 2.94 35.82 -16.79
CA PHE D 123 3.18 36.07 -18.21
C PHE D 123 2.09 36.97 -18.78
N LEU D 124 0.82 36.66 -18.51
CA LEU D 124 -0.32 37.44 -19.00
C LEU D 124 -0.44 38.76 -18.38
N LYS D 125 0.62 39.20 -17.73
CA LYS D 125 0.49 40.47 -17.03
C LYS D 125 0.88 41.66 -17.88
N SER D 126 1.79 41.44 -18.80
CA SER D 126 2.15 42.43 -19.80
C SER D 126 1.09 42.57 -20.89
N TRP D 127 0.03 41.76 -20.85
CA TRP D 127 -1.04 41.85 -21.82
C TRP D 127 -2.16 42.73 -21.29
N THR D 128 -2.71 43.55 -22.18
CA THR D 128 -3.90 44.30 -21.82
C THR D 128 -5.12 43.37 -21.87
N VAL D 129 -6.18 43.77 -21.16
CA VAL D 129 -7.39 42.97 -21.14
C VAL D 129 -7.91 42.76 -22.56
N GLU D 130 -7.79 43.79 -23.40
CA GLU D 130 -8.16 43.65 -24.80
C GLU D 130 -7.18 42.72 -25.53
N ASP D 131 -5.90 42.79 -25.18
CA ASP D 131 -4.92 41.88 -25.76
C ASP D 131 -5.24 40.43 -25.43
N LEU D 132 -5.63 40.17 -24.18
CA LEU D 132 -5.99 38.82 -23.78
C LEU D 132 -7.21 38.30 -24.53
N GLN D 133 -8.15 39.20 -24.86
CA GLN D 133 -9.31 38.80 -25.64
C GLN D 133 -8.90 38.32 -27.03
N LYS D 134 -7.96 39.04 -27.65
CA LYS D 134 -7.44 38.60 -28.95
C LYS D 134 -6.72 37.26 -28.81
N ARG D 135 -6.01 37.07 -27.71
CA ARG D 135 -5.27 35.83 -27.48
C ARG D 135 -6.22 34.67 -27.24
N LEU D 136 -7.31 34.91 -26.51
CA LEU D 136 -8.28 33.85 -26.24
C LEU D 136 -8.89 33.31 -27.52
N LEU D 137 -9.21 34.21 -28.47
CA LEU D 137 -9.76 33.76 -29.74
C LEU D 137 -8.70 33.09 -30.61
N ALA D 138 -7.42 33.44 -30.40
CA ALA D 138 -6.34 32.86 -31.18
C ALA D 138 -6.14 31.38 -30.90
N LEU D 139 -6.61 30.90 -29.75
CA LEU D 139 -6.38 29.51 -29.37
C LEU D 139 -7.16 28.55 -30.27
N ASP D 140 -8.34 28.95 -30.75
CA ASP D 140 -9.14 28.06 -31.58
C ASP D 140 -8.41 27.65 -32.86
N PRO D 141 -7.81 28.56 -33.64
CA PRO D 141 -7.02 28.11 -34.79
C PRO D 141 -5.85 27.22 -34.42
N MET D 142 -5.22 27.45 -33.26
CA MET D 142 -4.15 26.57 -32.82
C MET D 142 -4.68 25.17 -32.52
N MET D 143 -5.80 25.09 -31.81
CA MET D 143 -6.40 23.79 -31.50
C MET D 143 -6.82 23.07 -32.76
N GLU D 144 -7.38 23.80 -33.72
CA GLU D 144 -7.80 23.18 -34.98
C GLU D 144 -6.62 22.60 -35.74
N GLN D 145 -5.50 23.32 -35.77
CA GLN D 145 -4.32 22.84 -36.48
C GLN D 145 -3.80 21.54 -35.87
N GLU D 146 -3.83 21.45 -34.53
CA GLU D 146 -3.34 20.24 -33.88
C GLU D 146 -4.31 19.08 -34.06
N ILE D 147 -5.62 19.35 -34.03
CA ILE D 147 -6.60 18.30 -34.27
C ILE D 147 -6.47 17.79 -35.69
N GLU D 148 -6.20 18.69 -36.63
CA GLU D 148 -6.04 18.29 -38.02
C GLU D 148 -4.83 17.37 -38.19
N GLU D 149 -3.78 17.59 -37.39
CA GLU D 149 -2.62 16.71 -37.45
C GLU D 149 -2.99 15.29 -37.06
N ILE D 150 -3.91 15.12 -36.12
CA ILE D 150 -4.37 13.79 -35.75
C ILE D 150 -5.18 13.17 -36.88
N ARG D 151 -6.09 13.95 -37.47
CA ARG D 151 -6.90 13.45 -38.58
C ARG D 151 -6.03 12.97 -39.73
N GLN D 152 -5.02 13.77 -40.10
CA GLN D 152 -4.10 13.37 -41.16
C GLN D 152 -3.35 12.10 -40.80
N LYS D 153 -2.94 11.99 -39.54
CA LYS D 153 -2.27 10.78 -39.09
C LYS D 153 -3.16 9.55 -39.29
N TYR D 154 -4.44 9.67 -38.99
CA TYR D 154 -5.35 8.53 -39.12
C TYR D 154 -5.80 8.31 -40.55
N GLN D 155 -5.85 9.37 -41.38
CA GLN D 155 -6.15 9.18 -42.78
C GLN D 155 -5.11 8.27 -43.44
N SER D 156 -3.84 8.48 -43.12
CA SER D 156 -2.79 7.62 -43.65
C SER D 156 -2.77 6.23 -43.02
N LYS D 157 -3.32 6.08 -41.81
CA LYS D 157 -3.29 4.77 -41.17
C LYS D 157 -4.43 3.88 -41.66
N ARG D 158 -5.51 4.47 -42.13
CA ARG D 158 -6.62 3.72 -42.68
C ARG D 158 -6.46 3.44 -44.17
N GLN D 159 -5.44 3.99 -44.81
CA GLN D 159 -5.34 3.79 -46.26
C GLN D 159 -5.07 2.33 -46.62
N PRO D 160 -4.19 1.60 -45.92
CA PRO D 160 -4.09 0.16 -46.21
C PRO D 160 -5.41 -0.56 -46.03
N ILE D 161 -6.15 -0.26 -44.97
CA ILE D 161 -7.41 -0.94 -44.70
C ILE D 161 -8.38 -0.71 -45.85
N LEU D 162 -8.56 0.55 -46.25
CA LEU D 162 -9.44 0.88 -47.36
C LEU D 162 -9.00 0.16 -48.63
N ASP D 163 -7.72 0.26 -48.97
CA ASP D 163 -7.22 -0.35 -50.19
C ASP D 163 -7.41 -1.87 -50.16
N ALA D 164 -7.09 -2.49 -49.03
CA ALA D 164 -7.24 -3.94 -48.91
C ALA D 164 -8.70 -4.35 -49.06
N ILE D 165 -9.62 -3.53 -48.55
CA ILE D 165 -11.04 -3.85 -48.63
C ILE D 165 -11.52 -3.87 -50.08
N GLU D 166 -11.04 -2.93 -50.89
CA GLU D 166 -11.47 -2.85 -52.27
C GLU D 166 -11.10 -4.10 -53.06
N ALA D 167 -9.97 -4.73 -52.72
CA ALA D 167 -9.52 -5.94 -53.39
C ALA D 167 -10.57 -7.04 -53.34
N ASP E 2 -2.50 -6.42 0.28
CA ASP E 2 -3.25 -6.30 -0.96
C ASP E 2 -2.95 -7.46 -1.90
N ILE E 3 -4.00 -8.03 -2.47
CA ILE E 3 -3.81 -9.02 -3.53
C ILE E 3 -3.30 -8.31 -4.77
N VAL E 4 -2.20 -8.80 -5.31
CA VAL E 4 -1.58 -8.21 -6.50
C VAL E 4 -1.78 -9.16 -7.66
N LEU E 5 -2.26 -8.63 -8.77
CA LEU E 5 -2.56 -9.42 -9.96
C LEU E 5 -1.51 -9.09 -11.01
N THR E 6 -0.53 -9.99 -11.18
CA THR E 6 0.53 -9.79 -12.17
C THR E 6 -0.02 -10.28 -13.51
N GLN E 7 -0.48 -9.34 -14.33
CA GLN E 7 -1.14 -9.65 -15.58
C GLN E 7 -0.12 -9.78 -16.70
N SER E 8 -0.58 -10.24 -17.87
CA SER E 8 0.58 -10.51 -18.71
C SER E 8 0.60 -9.63 -19.96
N PRO E 9 1.78 -9.17 -20.36
CA PRO E 9 1.90 -8.05 -21.32
C PRO E 9 1.16 -8.18 -22.65
N ALA E 10 0.98 -7.03 -23.31
CA ALA E 10 0.20 -6.92 -24.53
C ALA E 10 0.76 -7.79 -25.64
N LEU E 11 -0.14 -8.28 -26.50
CA LEU E 11 0.20 -9.29 -27.48
C LEU E 11 -0.44 -8.92 -28.82
N THR E 12 0.16 -9.40 -29.90
CA THR E 12 -0.52 -9.44 -31.18
C THR E 12 -0.69 -10.87 -31.64
N VAL E 13 -1.88 -11.14 -32.15
CA VAL E 13 -2.41 -12.47 -32.38
C VAL E 13 -2.94 -12.48 -33.80
N SER E 14 -2.63 -13.54 -34.54
CA SER E 14 -3.27 -13.66 -35.85
C SER E 14 -4.67 -14.19 -35.66
N LEU E 15 -5.54 -13.83 -36.61
CA LEU E 15 -6.95 -14.14 -36.50
C LEU E 15 -7.17 -15.66 -36.49
N GLY E 16 -8.11 -16.11 -35.67
CA GLY E 16 -8.36 -17.53 -35.50
C GLY E 16 -7.45 -18.22 -34.49
N GLN E 17 -6.34 -17.61 -34.12
CA GLN E 17 -5.52 -18.14 -33.03
C GLN E 17 -6.37 -18.23 -31.76
N ARG E 18 -6.18 -19.31 -31.02
CA ARG E 18 -6.79 -19.35 -29.70
C ARG E 18 -5.90 -18.58 -28.73
N ALA E 19 -6.23 -17.31 -28.56
CA ALA E 19 -5.44 -16.38 -27.77
C ALA E 19 -5.70 -16.59 -26.29
N THR E 20 -4.73 -16.18 -25.47
CA THR E 20 -4.82 -16.47 -24.05
C THR E 20 -4.12 -15.41 -23.23
N ILE E 21 -4.86 -14.79 -22.31
CA ILE E 21 -4.33 -13.83 -21.36
C ILE E 21 -4.37 -14.48 -19.98
N SER E 22 -3.21 -14.55 -19.33
CA SER E 22 -3.12 -15.15 -18.02
C SER E 22 -3.13 -14.06 -16.94
N CYS E 23 -3.71 -14.42 -15.79
CA CYS E 23 -3.70 -13.55 -14.62
C CYS E 23 -3.28 -14.38 -13.42
N LYS E 24 -2.17 -14.00 -12.79
CA LYS E 24 -1.67 -14.68 -11.61
C LYS E 24 -1.69 -13.72 -10.43
N THR E 25 -2.23 -14.20 -9.31
CA THR E 25 -2.38 -13.42 -8.09
C THR E 25 -1.29 -13.80 -7.10
N ASN E 26 -0.91 -12.85 -6.25
CA ASN E 26 0.03 -13.19 -5.18
C ASN E 26 -0.65 -13.83 -3.99
N GLN E 27 -1.98 -13.84 -3.95
CA GLN E 27 -2.78 -14.49 -2.93
C GLN E 27 -3.86 -15.30 -3.62
N ASN E 28 -4.34 -16.36 -2.96
CA ASN E 28 -5.36 -17.15 -3.62
C ASN E 28 -6.74 -16.55 -3.36
N VAL E 29 -7.53 -16.49 -4.43
CA VAL E 29 -8.82 -15.83 -4.42
C VAL E 29 -9.97 -16.81 -4.21
N ASP E 30 -9.67 -18.08 -4.03
CA ASP E 30 -10.74 -19.07 -3.96
C ASP E 30 -11.49 -18.91 -2.64
N TYR E 31 -12.82 -18.88 -2.74
CA TYR E 31 -13.69 -18.82 -1.58
C TYR E 31 -14.83 -19.79 -1.86
N TYR E 32 -14.86 -20.90 -1.13
CA TYR E 32 -15.89 -21.93 -1.26
C TYR E 32 -15.78 -22.49 -2.68
N GLY E 33 -16.88 -22.60 -3.44
CA GLY E 33 -16.82 -23.23 -4.75
C GLY E 33 -16.19 -22.37 -5.83
N ASN E 34 -16.21 -21.05 -5.68
CA ASN E 34 -15.85 -20.14 -6.75
C ASN E 34 -14.52 -19.44 -6.47
N SER E 35 -14.01 -18.78 -7.51
CA SER E 35 -12.82 -17.96 -7.45
C SER E 35 -13.21 -16.53 -7.78
N TYR E 36 -12.94 -15.61 -6.86
CA TYR E 36 -13.44 -14.25 -7.00
C TYR E 36 -12.48 -13.41 -7.85
N VAL E 37 -12.53 -13.70 -9.15
CA VAL E 37 -11.72 -13.02 -10.14
C VAL E 37 -12.57 -12.83 -11.39
N HIS E 38 -12.59 -11.62 -11.91
CA HIS E 38 -13.41 -11.27 -13.06
C HIS E 38 -12.54 -10.76 -14.20
N TRP E 39 -13.15 -10.64 -15.37
CA TRP E 39 -12.43 -10.26 -16.58
C TRP E 39 -13.19 -9.13 -17.27
N TYR E 40 -12.48 -8.05 -17.57
CA TYR E 40 -13.07 -6.90 -18.23
C TYR E 40 -12.46 -6.70 -19.60
N GLN E 41 -13.24 -6.07 -20.47
CA GLN E 41 -12.77 -5.65 -21.78
C GLN E 41 -13.04 -4.15 -21.89
N GLN E 42 -11.98 -3.37 -22.12
CA GLN E 42 -12.11 -1.93 -22.28
C GLN E 42 -11.52 -1.52 -23.61
N LYS E 43 -12.35 -0.93 -24.47
CA LYS E 43 -11.93 -0.41 -25.75
C LYS E 43 -11.67 1.09 -25.64
N PRO E 44 -10.58 1.54 -26.31
CA PRO E 44 -10.09 2.91 -26.17
C PRO E 44 -11.13 3.98 -25.87
N GLY E 45 -12.14 4.11 -26.72
CA GLY E 45 -13.10 5.19 -26.55
C GLY E 45 -14.09 4.96 -25.43
N GLN E 46 -14.56 3.72 -25.27
CA GLN E 46 -15.68 3.43 -24.40
C GLN E 46 -15.22 2.92 -23.03
N LYS E 47 -16.19 2.60 -22.20
CA LYS E 47 -15.98 2.17 -20.82
C LYS E 47 -15.67 0.68 -20.77
N PRO E 48 -15.11 0.21 -19.66
CA PRO E 48 -14.81 -1.23 -19.53
C PRO E 48 -16.08 -2.06 -19.45
N LYS E 49 -16.04 -3.24 -20.06
CA LYS E 49 -17.19 -4.13 -20.11
C LYS E 49 -16.85 -5.48 -19.50
N LEU E 50 -17.74 -5.95 -18.64
CA LEU E 50 -17.61 -7.25 -18.00
C LEU E 50 -17.60 -8.37 -19.04
N LEU E 51 -16.61 -9.28 -18.94
CA LEU E 51 -16.54 -10.47 -19.76
C LEU E 51 -16.83 -11.73 -18.97
N ILE E 52 -16.17 -11.89 -17.83
CA ILE E 52 -16.23 -13.10 -17.02
C ILE E 52 -16.40 -12.69 -15.57
N TYR E 53 -17.25 -13.41 -14.85
CA TYR E 53 -17.40 -13.22 -13.41
C TYR E 53 -17.18 -14.56 -12.73
N LEU E 54 -16.58 -14.51 -11.54
CA LEU E 54 -16.33 -15.71 -10.73
C LEU E 54 -15.54 -16.75 -11.53
N ALA E 55 -14.45 -16.29 -12.15
CA ALA E 55 -13.42 -17.11 -12.78
C ALA E 55 -13.84 -17.68 -14.13
N SER E 56 -14.91 -18.47 -14.17
CA SER E 56 -15.28 -19.19 -15.38
C SER E 56 -16.62 -18.78 -15.97
N ASN E 57 -17.50 -18.16 -15.19
CA ASN E 57 -18.85 -17.88 -15.67
C ASN E 57 -18.81 -16.78 -16.73
N LEU E 58 -19.31 -17.10 -17.93
CA LEU E 58 -19.47 -16.11 -18.97
C LEU E 58 -20.49 -15.06 -18.55
N ALA E 59 -20.13 -13.79 -18.73
CA ALA E 59 -21.03 -12.72 -18.36
C ALA E 59 -22.12 -12.55 -19.43
N SER E 60 -23.16 -11.83 -19.06
CA SER E 60 -24.35 -11.70 -19.90
C SER E 60 -24.02 -10.96 -21.20
N GLY E 61 -24.33 -11.59 -22.33
CA GLY E 61 -24.20 -10.98 -23.64
C GLY E 61 -22.86 -11.17 -24.32
N ILE E 62 -21.87 -11.72 -23.63
CA ILE E 62 -20.52 -11.83 -24.17
C ILE E 62 -20.43 -13.13 -24.97
N PRO E 63 -19.78 -13.11 -26.13
CA PRO E 63 -19.77 -14.29 -27.01
C PRO E 63 -19.14 -15.51 -26.35
N ALA E 64 -19.46 -16.67 -26.93
CA ALA E 64 -19.00 -17.95 -26.39
C ALA E 64 -17.50 -18.13 -26.58
N ARG E 65 -16.91 -17.47 -27.57
CA ARG E 65 -15.50 -17.64 -27.85
C ARG E 65 -14.65 -17.22 -26.66
N PHE E 66 -15.15 -16.32 -25.82
CA PHE E 66 -14.45 -15.91 -24.62
C PHE E 66 -14.69 -16.93 -23.53
N SER E 67 -13.62 -17.36 -22.88
CA SER E 67 -13.72 -18.41 -21.87
C SER E 67 -12.81 -18.06 -20.70
N GLY E 68 -13.25 -18.45 -19.51
CA GLY E 68 -12.44 -18.27 -18.32
C GLY E 68 -12.19 -19.58 -17.63
N ARG E 69 -10.94 -19.87 -17.31
CA ARG E 69 -10.57 -21.07 -16.57
C ARG E 69 -9.55 -20.68 -15.51
N GLY E 70 -9.82 -21.06 -14.27
CA GLY E 70 -8.85 -20.80 -13.24
C GLY E 70 -9.33 -21.28 -11.88
N SER E 71 -8.38 -21.32 -10.95
CA SER E 71 -8.59 -21.51 -9.53
C SER E 71 -7.24 -21.33 -8.86
N GLY E 72 -7.27 -20.92 -7.61
CA GLY E 72 -6.04 -20.76 -6.87
C GLY E 72 -5.26 -19.54 -7.34
N THR E 73 -3.99 -19.78 -7.65
CA THR E 73 -3.04 -18.74 -8.00
C THR E 73 -3.36 -18.10 -9.35
N ASP E 74 -3.49 -18.95 -10.36
CA ASP E 74 -3.33 -18.59 -11.76
C ASP E 74 -4.64 -18.85 -12.50
N PHE E 75 -5.17 -17.82 -13.13
CA PHE E 75 -6.35 -17.95 -13.97
C PHE E 75 -5.99 -17.49 -15.37
N THR E 76 -6.68 -18.05 -16.33
CA THR E 76 -6.46 -17.68 -17.71
C THR E 76 -7.77 -17.29 -18.36
N LEU E 77 -7.67 -16.39 -19.32
CA LEU E 77 -8.79 -16.00 -20.16
C LEU E 77 -8.45 -16.37 -21.59
N THR E 78 -9.33 -17.13 -22.22
CA THR E 78 -9.11 -17.62 -23.57
C THR E 78 -10.16 -17.04 -24.51
N ILE E 79 -9.72 -16.62 -25.68
CA ILE E 79 -10.65 -16.18 -26.72
C ILE E 79 -10.42 -17.11 -27.91
N ASP E 80 -11.05 -18.28 -27.87
CA ASP E 80 -10.99 -19.24 -28.96
C ASP E 80 -12.28 -19.15 -29.75
N PRO E 81 -12.30 -18.58 -30.96
CA PRO E 81 -11.21 -17.90 -31.67
C PRO E 81 -11.26 -16.39 -31.44
N VAL E 82 -10.40 -15.63 -32.13
CA VAL E 82 -10.24 -14.19 -31.95
C VAL E 82 -10.65 -13.46 -33.22
N GLU E 83 -11.55 -12.50 -33.10
CA GLU E 83 -12.10 -11.75 -34.22
C GLU E 83 -11.49 -10.35 -34.28
N ALA E 84 -11.99 -9.53 -35.22
CA ALA E 84 -11.45 -8.18 -35.41
C ALA E 84 -11.83 -7.26 -34.25
N ALA E 85 -13.03 -7.41 -33.71
CA ALA E 85 -13.51 -6.54 -32.64
C ALA E 85 -12.82 -6.80 -31.31
N ASP E 86 -11.97 -7.83 -31.23
CA ASP E 86 -11.37 -8.23 -29.98
C ASP E 86 -10.30 -7.28 -29.49
N THR E 87 -9.92 -6.26 -30.25
CA THR E 87 -8.74 -5.49 -29.91
C THR E 87 -9.10 -4.40 -28.91
N ALA E 88 -8.54 -4.53 -27.71
CA ALA E 88 -8.79 -3.64 -26.58
C ALA E 88 -7.80 -3.97 -25.49
N THR E 89 -8.04 -3.52 -24.27
CA THR E 89 -7.26 -3.93 -23.11
C THR E 89 -8.12 -4.89 -22.28
N TYR E 90 -7.50 -5.94 -21.77
CA TYR E 90 -8.21 -6.96 -21.00
C TYR E 90 -7.65 -6.97 -19.59
N TYR E 91 -8.50 -6.66 -18.61
CA TYR E 91 -8.11 -6.51 -17.22
C TYR E 91 -8.67 -7.65 -16.40
N CYS E 92 -7.86 -8.19 -15.49
CA CYS E 92 -8.38 -9.09 -14.46
C CYS E 92 -8.51 -8.32 -13.16
N GLN E 93 -9.57 -8.61 -12.41
CA GLN E 93 -9.86 -7.95 -11.16
C GLN E 93 -10.18 -8.98 -10.10
N GLN E 94 -9.64 -8.79 -8.90
CA GLN E 94 -9.96 -9.66 -7.78
C GLN E 94 -11.04 -9.02 -6.93
N SER E 95 -11.96 -9.85 -6.45
CA SER E 95 -12.94 -9.45 -5.45
C SER E 95 -12.84 -10.33 -4.21
N ARG E 96 -11.81 -11.18 -4.13
CA ARG E 96 -11.70 -12.11 -3.02
C ARG E 96 -11.65 -11.38 -1.69
N ASP E 97 -10.94 -10.25 -1.63
CA ASP E 97 -10.84 -9.51 -0.39
C ASP E 97 -10.52 -8.06 -0.69
N LEU E 98 -10.73 -7.22 0.32
CA LEU E 98 -10.54 -5.80 0.17
C LEU E 98 -9.06 -5.45 0.14
N PRO E 99 -8.67 -4.44 -0.66
CA PRO E 99 -9.62 -3.75 -1.53
C PRO E 99 -9.72 -4.47 -2.87
N ASN E 100 -10.72 -4.12 -3.67
CA ASN E 100 -10.72 -4.58 -5.05
C ASN E 100 -9.49 -4.03 -5.74
N THR E 101 -8.71 -4.92 -6.36
CA THR E 101 -7.54 -4.52 -7.11
C THR E 101 -7.63 -5.11 -8.50
N PHE E 102 -6.99 -4.42 -9.45
CA PHE E 102 -7.03 -4.80 -10.85
C PHE E 102 -5.64 -5.19 -11.33
N GLY E 103 -5.60 -5.99 -12.39
CA GLY E 103 -4.35 -6.26 -13.04
C GLY E 103 -3.90 -5.07 -13.87
N ALA E 104 -2.63 -5.14 -14.31
CA ALA E 104 -2.08 -4.04 -15.09
C ALA E 104 -2.86 -3.84 -16.37
N GLY E 105 -3.31 -4.92 -16.98
CA GLY E 105 -4.12 -4.83 -18.18
C GLY E 105 -3.28 -5.24 -19.38
N THR E 106 -3.92 -5.92 -20.31
CA THR E 106 -3.23 -6.43 -21.49
C THR E 106 -3.96 -5.97 -22.76
N LYS E 107 -3.36 -4.99 -23.42
CA LYS E 107 -3.81 -4.58 -24.74
C LYS E 107 -3.61 -5.73 -25.73
N LEU E 108 -4.44 -5.73 -26.78
CA LEU E 108 -4.43 -6.81 -27.77
C LEU E 108 -4.68 -6.20 -29.13
N GLU E 109 -3.74 -6.37 -30.05
CA GLU E 109 -4.00 -6.03 -31.45
C GLU E 109 -3.55 -7.18 -32.35
N LEU E 110 -3.55 -6.90 -33.65
CA LEU E 110 -3.50 -7.96 -34.64
C LEU E 110 -2.22 -7.88 -35.47
N THR E 123 -10.39 -10.77 -44.28
CA THR E 123 -11.70 -10.83 -44.91
C THR E 123 -12.50 -9.56 -44.60
N VAL E 124 -13.44 -9.24 -45.51
CA VAL E 124 -13.94 -7.87 -45.64
C VAL E 124 -14.67 -7.42 -44.38
N GLU E 125 -15.52 -8.28 -43.82
CA GLU E 125 -16.25 -7.88 -42.61
C GLU E 125 -15.28 -7.55 -41.48
N ASP E 126 -14.23 -8.36 -41.32
CA ASP E 126 -13.24 -8.08 -40.28
C ASP E 126 -12.48 -6.80 -40.57
N LEU E 127 -12.11 -6.58 -41.84
CA LEU E 127 -11.42 -5.35 -42.21
C LEU E 127 -12.31 -4.13 -42.00
N GLN E 128 -13.59 -4.23 -42.35
CA GLN E 128 -14.54 -3.15 -42.09
C GLN E 128 -14.56 -2.81 -40.61
N LYS E 129 -14.65 -3.83 -39.76
CA LYS E 129 -14.54 -3.72 -38.32
C LYS E 129 -13.28 -2.96 -37.92
N ARG E 130 -12.14 -3.33 -38.49
CA ARG E 130 -10.87 -2.69 -38.16
C ARG E 130 -10.89 -1.23 -38.60
N LEU E 131 -11.56 -0.93 -39.70
CA LEU E 131 -11.64 0.45 -40.18
C LEU E 131 -12.32 1.34 -39.14
N LEU E 132 -13.46 0.88 -38.62
CA LEU E 132 -14.20 1.69 -37.66
C LEU E 132 -13.62 1.64 -36.25
N ALA E 133 -12.71 0.70 -35.98
CA ALA E 133 -12.02 0.69 -34.70
C ALA E 133 -11.07 1.87 -34.54
N LEU E 134 -10.65 2.48 -35.66
CA LEU E 134 -9.71 3.59 -35.59
C LEU E 134 -10.36 4.83 -34.99
N ASP E 135 -11.61 5.10 -35.33
CA ASP E 135 -12.26 6.33 -34.89
C ASP E 135 -12.23 6.52 -33.37
N PRO E 136 -12.52 5.51 -32.54
CA PRO E 136 -12.36 5.73 -31.09
C PRO E 136 -10.94 6.09 -30.69
N MET E 137 -9.93 5.45 -31.28
CA MET E 137 -8.55 5.85 -31.03
C MET E 137 -8.33 7.30 -31.42
N MET E 138 -8.80 7.69 -32.61
CA MET E 138 -8.52 9.03 -33.12
C MET E 138 -9.09 10.10 -32.21
N GLU E 139 -10.37 9.96 -31.82
CA GLU E 139 -11.00 11.00 -31.01
C GLU E 139 -10.46 11.00 -29.59
N GLN E 140 -9.97 9.84 -29.11
CA GLN E 140 -9.25 9.81 -27.86
C GLN E 140 -8.05 10.76 -27.90
N GLU E 141 -7.24 10.66 -28.97
CA GLU E 141 -6.18 11.64 -29.19
C GLU E 141 -6.74 13.04 -29.30
N ILE E 142 -7.85 13.20 -30.02
CA ILE E 142 -8.43 14.52 -30.23
C ILE E 142 -8.94 15.10 -28.91
N GLU E 143 -9.59 14.26 -28.10
CA GLU E 143 -10.10 14.75 -26.82
C GLU E 143 -8.99 15.18 -25.89
N GLU E 144 -7.82 14.53 -25.98
CA GLU E 144 -6.67 14.95 -25.19
C GLU E 144 -6.25 16.38 -25.54
N ILE E 145 -6.31 16.72 -26.83
CA ILE E 145 -5.94 18.06 -27.26
C ILE E 145 -6.98 19.08 -26.80
N ARG E 146 -8.26 18.71 -26.85
CA ARG E 146 -9.32 19.63 -26.43
C ARG E 146 -9.13 20.05 -24.98
N GLN E 147 -8.86 19.10 -24.10
CA GLN E 147 -8.68 19.44 -22.69
C GLN E 147 -7.40 20.22 -22.46
N LYS E 148 -6.38 20.03 -23.30
CA LYS E 148 -5.18 20.83 -23.19
C LYS E 148 -5.49 22.30 -23.45
N TYR E 149 -6.22 22.59 -24.53
CA TYR E 149 -6.58 23.97 -24.83
C TYR E 149 -7.65 24.48 -23.87
N GLN E 150 -8.44 23.57 -23.29
CA GLN E 150 -9.35 23.96 -22.22
C GLN E 150 -8.58 24.58 -21.06
N CYS E 151 -7.48 23.94 -20.65
CA CYS E 151 -6.65 24.49 -19.60
C CYS E 151 -5.85 25.70 -20.06
N LYS E 152 -5.68 25.89 -21.36
CA LYS E 152 -5.06 27.12 -21.84
C LYS E 152 -6.03 28.30 -21.75
N ARG E 153 -7.33 28.02 -21.82
CA ARG E 153 -8.32 29.09 -21.79
C ARG E 153 -8.49 29.66 -20.39
N GLN E 154 -8.37 28.83 -19.35
CA GLN E 154 -8.70 29.28 -18.00
C GLN E 154 -7.81 30.38 -17.47
N PRO E 155 -6.48 30.35 -17.62
CA PRO E 155 -5.68 31.50 -17.16
C PRO E 155 -6.06 32.78 -17.85
N ILE E 156 -6.34 32.73 -19.15
CA ILE E 156 -6.77 33.91 -19.89
C ILE E 156 -8.13 34.37 -19.39
N LEU E 157 -9.08 33.44 -19.26
CA LEU E 157 -10.41 33.80 -18.78
C LEU E 157 -10.35 34.40 -17.38
N ASP E 158 -9.54 33.82 -16.50
CA ASP E 158 -9.39 34.37 -15.16
C ASP E 158 -8.83 35.78 -15.20
N ALA E 159 -7.82 36.01 -16.04
CA ALA E 159 -7.17 37.32 -16.10
C ALA E 159 -8.10 38.37 -16.72
N ILE E 160 -8.87 37.99 -17.73
CA ILE E 160 -9.85 38.91 -18.30
C ILE E 160 -10.89 39.28 -17.25
N GLU E 161 -11.45 38.27 -16.58
CA GLU E 161 -12.44 38.51 -15.54
C GLU E 161 -11.86 39.33 -14.40
N ALA E 162 -10.60 39.08 -14.05
CA ALA E 162 -9.98 39.77 -12.93
C ALA E 162 -9.79 41.25 -13.21
N LYS E 163 -9.48 41.59 -14.46
CA LYS E 163 -9.12 42.95 -14.84
C LYS E 163 -7.96 43.44 -13.96
N GLY F 1 -25.52 -10.35 -6.64
CA GLY F 1 -24.13 -10.59 -6.98
C GLY F 1 -23.38 -9.34 -7.40
N ASP F 2 -22.67 -8.74 -6.45
CA ASP F 2 -21.84 -7.57 -6.72
C ASP F 2 -20.40 -8.02 -6.87
N GLY F 3 -19.81 -7.77 -8.03
CA GLY F 3 -18.47 -8.23 -8.33
C GLY F 3 -17.37 -7.47 -7.64
N MET F 4 -17.68 -6.35 -6.99
CA MET F 4 -16.68 -5.59 -6.24
C MET F 4 -16.97 -5.59 -4.74
N VAL F 5 -17.77 -6.54 -4.26
CA VAL F 5 -18.03 -6.71 -2.84
C VAL F 5 -17.41 -8.04 -2.41
N PRO F 6 -16.50 -8.04 -1.43
CA PRO F 6 -15.87 -9.30 -1.05
C PRO F 6 -16.80 -10.16 -0.23
N PRO F 7 -16.69 -11.49 -0.34
CA PRO F 7 -17.53 -12.50 0.33
C PRO F 7 -17.26 -12.57 1.83
#